data_116D
# 
_entry.id   116D 
# 
_audit_conform.dict_name       mmcif_pdbx.dic 
_audit_conform.dict_version    5.385 
_audit_conform.dict_location   http://mmcif.pdb.org/dictionaries/ascii/mmcif_pdbx.dic 
# 
loop_
_database_2.database_id 
_database_2.database_code 
_database_2.pdbx_database_accession 
_database_2.pdbx_DOI 
PDB   116D         pdb_0000116d 10.2210/pdb116d/pdb 
RCSB  ADL045       ?            ?                   
WWPDB D_1000170042 ?            ?                   
# 
loop_
_pdbx_audit_revision_history.ordinal 
_pdbx_audit_revision_history.data_content_type 
_pdbx_audit_revision_history.major_revision 
_pdbx_audit_revision_history.minor_revision 
_pdbx_audit_revision_history.revision_date 
1 'Structure model' 1 0 1993-04-15 
2 'Structure model' 1 1 2008-05-22 
3 'Structure model' 1 2 2011-07-13 
4 'Structure model' 1 3 2024-02-07 
# 
_pdbx_audit_revision_details.ordinal             1 
_pdbx_audit_revision_details.revision_ordinal    1 
_pdbx_audit_revision_details.data_content_type   'Structure model' 
_pdbx_audit_revision_details.provider            repository 
_pdbx_audit_revision_details.type                'Initial release' 
_pdbx_audit_revision_details.description         ? 
_pdbx_audit_revision_details.details             ? 
# 
loop_
_pdbx_audit_revision_group.ordinal 
_pdbx_audit_revision_group.revision_ordinal 
_pdbx_audit_revision_group.data_content_type 
_pdbx_audit_revision_group.group 
1 2 'Structure model' 'Version format compliance' 
2 3 'Structure model' 'Version format compliance' 
3 4 'Structure model' 'Data collection'           
4 4 'Structure model' 'Database references'       
# 
loop_
_pdbx_audit_revision_category.ordinal 
_pdbx_audit_revision_category.revision_ordinal 
_pdbx_audit_revision_category.data_content_type 
_pdbx_audit_revision_category.category 
1 4 'Structure model' chem_comp_atom 
2 4 'Structure model' chem_comp_bond 
3 4 'Structure model' database_2     
# 
loop_
_pdbx_audit_revision_item.ordinal 
_pdbx_audit_revision_item.revision_ordinal 
_pdbx_audit_revision_item.data_content_type 
_pdbx_audit_revision_item.item 
1 4 'Structure model' '_database_2.pdbx_DOI'                
2 4 'Structure model' '_database_2.pdbx_database_accession' 
# 
_pdbx_database_status.status_code                     REL 
_pdbx_database_status.entry_id                        116D 
_pdbx_database_status.recvd_initial_deposition_date   1993-02-10 
_pdbx_database_status.deposit_site                    BNL 
_pdbx_database_status.process_site                    NDB 
_pdbx_database_status.status_code_sf                  REL 
_pdbx_database_status.status_code_mr                  ? 
_pdbx_database_status.SG_entry                        ? 
_pdbx_database_status.pdb_format_compatible           Y 
_pdbx_database_status.status_code_cs                  ? 
_pdbx_database_status.status_code_nmr_data            ? 
_pdbx_database_status.methods_development_category    ? 
# 
loop_
_audit_author.name 
_audit_author.pdbx_ordinal 
'Bingman, C.A.'     1 
'Zon, G.'           2 
'Sundaralingam, M.' 3 
# 
loop_
_citation.id 
_citation.title 
_citation.journal_abbrev 
_citation.journal_volume 
_citation.page_first 
_citation.page_last 
_citation.year 
_citation.journal_id_ASTM 
_citation.country 
_citation.journal_id_ISSN 
_citation.journal_id_CSD 
_citation.book_publisher 
_citation.pdbx_database_id_PubMed 
_citation.pdbx_database_id_DOI 
primary 'Crystal and molecular structure of the A-DNA dodecamer d(CCGTACGTACGG). Choice of fragment helical axis.' J.Mol.Biol. 227 
738  756  1992 JMOBAK UK 0022-2836 0070 ? 1404387 '10.1016/0022-2836(92)90221-5' 
1       
;Crystal and Molecular Structure of the Alternating Dodecamer d(GCGTACGTACGC) in the A-DNA Form: Comparison with the Isomorphous Non-Alternating Dodecamer d(CCGTACGTACGG)
;
'Nucleic Acids Res.' 20  6637 6647 1992 NARHAD UK 0305-1048 0389 ? ?       ?                              
# 
loop_
_citation_author.citation_id 
_citation_author.name 
_citation_author.ordinal 
_citation_author.identifier_ORCID 
primary 'Bingman, C.A.'     1 ? 
primary 'Zon, G.'           2 ? 
primary 'Sundaralingam, M.' 3 ? 
1       'Bingman, C.A.'     4 ? 
1       'Jain, S.'          5 ? 
1       'Zon, G.'           6 ? 
1       'Sundaralingam, M.' 7 ? 
# 
loop_
_entity.id 
_entity.type 
_entity.src_method 
_entity.pdbx_description 
_entity.formula_weight 
_entity.pdbx_number_of_molecules 
_entity.pdbx_ec 
_entity.pdbx_mutation 
_entity.pdbx_fragment 
_entity.details 
1 polymer syn 
;DNA (5'-D(*CP*CP*GP*TP*AP*CP*GP*TP*AP*CP*GP*G)-3')
;
3663.392 1  ? ? ? ? 
2 water   nat water                                                18.015   40 ? ? ? ? 
# 
_entity_poly.entity_id                      1 
_entity_poly.type                           polydeoxyribonucleotide 
_entity_poly.nstd_linkage                   no 
_entity_poly.nstd_monomer                   no 
_entity_poly.pdbx_seq_one_letter_code       '(DC)(DC)(DG)(DT)(DA)(DC)(DG)(DT)(DA)(DC)(DG)(DG)' 
_entity_poly.pdbx_seq_one_letter_code_can   CCGTACGTACGG 
_entity_poly.pdbx_strand_id                 A 
_entity_poly.pdbx_target_identifier         ? 
# 
_pdbx_entity_nonpoly.entity_id   2 
_pdbx_entity_nonpoly.name        water 
_pdbx_entity_nonpoly.comp_id     HOH 
# 
loop_
_entity_poly_seq.entity_id 
_entity_poly_seq.num 
_entity_poly_seq.mon_id 
_entity_poly_seq.hetero 
1 1  DC n 
1 2  DC n 
1 3  DG n 
1 4  DT n 
1 5  DA n 
1 6  DC n 
1 7  DG n 
1 8  DT n 
1 9  DA n 
1 10 DC n 
1 11 DG n 
1 12 DG n 
# 
loop_
_chem_comp.id 
_chem_comp.type 
_chem_comp.mon_nstd_flag 
_chem_comp.name 
_chem_comp.pdbx_synonyms 
_chem_comp.formula 
_chem_comp.formula_weight 
DA  'DNA linking' y "2'-DEOXYADENOSINE-5'-MONOPHOSPHATE" ? 'C10 H14 N5 O6 P' 331.222 
DC  'DNA linking' y "2'-DEOXYCYTIDINE-5'-MONOPHOSPHATE"  ? 'C9 H14 N3 O7 P'  307.197 
DG  'DNA linking' y "2'-DEOXYGUANOSINE-5'-MONOPHOSPHATE" ? 'C10 H14 N5 O7 P' 347.221 
DT  'DNA linking' y "THYMIDINE-5'-MONOPHOSPHATE"         ? 'C10 H15 N2 O8 P' 322.208 
HOH non-polymer   . WATER                                ? 'H2 O'            18.015  
# 
loop_
_pdbx_poly_seq_scheme.asym_id 
_pdbx_poly_seq_scheme.entity_id 
_pdbx_poly_seq_scheme.seq_id 
_pdbx_poly_seq_scheme.mon_id 
_pdbx_poly_seq_scheme.ndb_seq_num 
_pdbx_poly_seq_scheme.pdb_seq_num 
_pdbx_poly_seq_scheme.auth_seq_num 
_pdbx_poly_seq_scheme.pdb_mon_id 
_pdbx_poly_seq_scheme.auth_mon_id 
_pdbx_poly_seq_scheme.pdb_strand_id 
_pdbx_poly_seq_scheme.pdb_ins_code 
_pdbx_poly_seq_scheme.hetero 
A 1 1  DC 1  1  1  DC C A . n 
A 1 2  DC 2  2  2  DC C A . n 
A 1 3  DG 3  3  3  DG G A . n 
A 1 4  DT 4  4  4  DT T A . n 
A 1 5  DA 5  5  5  DA A A . n 
A 1 6  DC 6  6  6  DC C A . n 
A 1 7  DG 7  7  7  DG G A . n 
A 1 8  DT 8  8  8  DT T A . n 
A 1 9  DA 9  9  9  DA A A . n 
A 1 10 DC 10 10 10 DC C A . n 
A 1 11 DG 11 11 11 DG G A . n 
A 1 12 DG 12 12 12 DG G A . n 
# 
loop_
_pdbx_nonpoly_scheme.asym_id 
_pdbx_nonpoly_scheme.entity_id 
_pdbx_nonpoly_scheme.mon_id 
_pdbx_nonpoly_scheme.ndb_seq_num 
_pdbx_nonpoly_scheme.pdb_seq_num 
_pdbx_nonpoly_scheme.auth_seq_num 
_pdbx_nonpoly_scheme.pdb_mon_id 
_pdbx_nonpoly_scheme.auth_mon_id 
_pdbx_nonpoly_scheme.pdb_strand_id 
_pdbx_nonpoly_scheme.pdb_ins_code 
B 2 HOH 1  13 13 HOH HOH A . 
B 2 HOH 2  14 14 HOH HOH A . 
B 2 HOH 3  15 15 HOH HOH A . 
B 2 HOH 4  16 16 HOH HOH A . 
B 2 HOH 5  17 17 HOH HOH A . 
B 2 HOH 6  18 18 HOH HOH A . 
B 2 HOH 7  19 19 HOH HOH A . 
B 2 HOH 8  20 20 HOH HOH A . 
B 2 HOH 9  21 21 HOH HOH A . 
B 2 HOH 10 22 22 HOH HOH A . 
B 2 HOH 11 23 23 HOH HOH A . 
B 2 HOH 12 24 24 HOH HOH A . 
B 2 HOH 13 25 25 HOH HOH A . 
B 2 HOH 14 26 26 HOH HOH A . 
B 2 HOH 15 27 27 HOH HOH A . 
B 2 HOH 16 28 28 HOH HOH A . 
B 2 HOH 17 29 29 HOH HOH A . 
B 2 HOH 18 30 30 HOH HOH A . 
B 2 HOH 19 31 31 HOH HOH A . 
B 2 HOH 20 32 32 HOH HOH A . 
B 2 HOH 21 33 33 HOH HOH A . 
B 2 HOH 22 34 34 HOH HOH A . 
B 2 HOH 23 35 35 HOH HOH A . 
B 2 HOH 24 36 36 HOH HOH A . 
B 2 HOH 25 37 37 HOH HOH A . 
B 2 HOH 26 38 38 HOH HOH A . 
B 2 HOH 27 39 39 HOH HOH A . 
B 2 HOH 28 40 40 HOH HOH A . 
B 2 HOH 29 41 41 HOH HOH A . 
B 2 HOH 30 42 42 HOH HOH A . 
B 2 HOH 31 43 43 HOH HOH A . 
B 2 HOH 32 44 44 HOH HOH A . 
B 2 HOH 33 45 45 HOH HOH A . 
B 2 HOH 34 46 46 HOH HOH A . 
B 2 HOH 35 47 47 HOH HOH A . 
B 2 HOH 36 48 48 HOH HOH A . 
B 2 HOH 37 49 49 HOH HOH A . 
B 2 HOH 38 50 50 HOH HOH A . 
B 2 HOH 39 51 51 HOH HOH A . 
B 2 HOH 40 52 52 HOH HOH A . 
# 
_software.name             NUCLSQ 
_software.classification   refinement 
_software.version          . 
_software.citation_id      ? 
_software.pdbx_ordinal     1 
# 
_cell.entry_id           116D 
_cell.length_a           46.200 
_cell.length_b           46.200 
_cell.length_c           71.500 
_cell.angle_alpha        90.00 
_cell.angle_beta         90.00 
_cell.angle_gamma        120.00 
_cell.Z_PDB              12 
_cell.pdbx_unique_axis   ? 
# 
_symmetry.entry_id                         116D 
_symmetry.space_group_name_H-M             'P 61 2 2' 
_symmetry.pdbx_full_space_group_name_H-M   ? 
_symmetry.cell_setting                     ? 
_symmetry.Int_Tables_number                178 
# 
_exptl.entry_id          116D 
_exptl.method            'X-RAY DIFFRACTION' 
_exptl.crystals_number   ? 
# 
_exptl_crystal.id                    1 
_exptl_crystal.density_meas          ? 
_exptl_crystal.density_Matthews      3.01 
_exptl_crystal.density_percent_sol   59.09 
_exptl_crystal.description           ? 
# 
_exptl_crystal_grow.crystal_id      1 
_exptl_crystal_grow.method          'VAPOR DIFFUSION' 
_exptl_crystal_grow.temp            ? 
_exptl_crystal_grow.temp_details    ? 
_exptl_crystal_grow.pH              6.50 
_exptl_crystal_grow.pdbx_details    'pH 6.50, VAPOR DIFFUSION' 
_exptl_crystal_grow.pdbx_pH_range   ? 
# 
loop_
_exptl_crystal_grow_comp.crystal_id 
_exptl_crystal_grow_comp.id 
_exptl_crystal_grow_comp.sol_id 
_exptl_crystal_grow_comp.name 
_exptl_crystal_grow_comp.volume 
_exptl_crystal_grow_comp.conc 
_exptl_crystal_grow_comp.details 
1 1 1 WATER           ? ? ? 
1 2 1 '[CO(NH3)6]3+'  ? ? ? 
1 3 1 SPERMINE        ? ? ? 
1 4 1 'NA CACODYLATE' ? ? ? 
1 5 2 WATER           ? ? ? 
# 
_diffrn.id                     1 
_diffrn.ambient_temp           277.00 
_diffrn.ambient_temp_details   ? 
_diffrn.crystal_id             1 
# 
_diffrn_detector.diffrn_id              1 
_diffrn_detector.detector               'OSCILLATION CAMERA' 
_diffrn_detector.type                   ENRAF-NONIUS 
_diffrn_detector.pdbx_collection_date   ? 
_diffrn_detector.details                ? 
# 
_diffrn_radiation.diffrn_id                        1 
_diffrn_radiation.wavelength_id                    1 
_diffrn_radiation.pdbx_monochromatic_or_laue_m_l   ? 
_diffrn_radiation.monochromator                    ? 
_diffrn_radiation.pdbx_diffrn_protocol             ? 
_diffrn_radiation.pdbx_scattering_type             x-ray 
# 
_diffrn_radiation_wavelength.id           1 
_diffrn_radiation_wavelength.wavelength   . 
_diffrn_radiation_wavelength.wt           1.0 
# 
_diffrn_source.diffrn_id                   1 
_diffrn_source.source                      ? 
_diffrn_source.type                        ? 
_diffrn_source.pdbx_synchrotron_site       ? 
_diffrn_source.pdbx_synchrotron_beamline   ? 
_diffrn_source.pdbx_wavelength             ? 
_diffrn_source.pdbx_wavelength_list        ? 
# 
_reflns.entry_id                     116D 
_reflns.observed_criterion_sigma_I   2.000 
_reflns.observed_criterion_sigma_F   ? 
_reflns.d_resolution_low             ? 
_reflns.d_resolution_high            2.500 
_reflns.number_obs                   1664 
_reflns.number_all                   4971 
_reflns.percent_possible_obs         ? 
_reflns.pdbx_Rmerge_I_obs            ? 
_reflns.pdbx_Rsym_value              ? 
_reflns.pdbx_netI_over_sigmaI        ? 
_reflns.B_iso_Wilson_estimate        ? 
_reflns.pdbx_redundancy              ? 
_reflns.pdbx_diffrn_id               1 
_reflns.pdbx_ordinal                 1 
# 
_refine.entry_id                                 116D 
_refine.ls_number_reflns_obs                     1664 
_refine.ls_number_reflns_all                     ? 
_refine.pdbx_ls_sigma_I                          ? 
_refine.pdbx_ls_sigma_F                          2.000 
_refine.pdbx_data_cutoff_high_absF               ? 
_refine.pdbx_data_cutoff_low_absF                ? 
_refine.pdbx_data_cutoff_high_rms_absF           ? 
_refine.ls_d_res_low                             8.000 
_refine.ls_d_res_high                            2.500 
_refine.ls_percent_reflns_obs                    ? 
_refine.ls_R_factor_obs                          0.1500000 
_refine.ls_R_factor_all                          ? 
_refine.ls_R_factor_R_work                       ? 
_refine.ls_R_factor_R_free                       ? 
_refine.ls_R_factor_R_free_error                 ? 
_refine.ls_R_factor_R_free_error_details         ? 
_refine.ls_percent_reflns_R_free                 ? 
_refine.ls_number_reflns_R_free                  ? 
_refine.ls_number_parameters                     ? 
_refine.ls_number_restraints                     ? 
_refine.occupancy_min                            ? 
_refine.occupancy_max                            ? 
_refine.B_iso_mean                               ? 
_refine.aniso_B[1][1]                            ? 
_refine.aniso_B[2][2]                            ? 
_refine.aniso_B[3][3]                            ? 
_refine.aniso_B[1][2]                            ? 
_refine.aniso_B[1][3]                            ? 
_refine.aniso_B[2][3]                            ? 
_refine.solvent_model_details                    ? 
_refine.solvent_model_param_ksol                 ? 
_refine.solvent_model_param_bsol                 ? 
_refine.pdbx_ls_cross_valid_method               ? 
_refine.details                                  ? 
_refine.pdbx_starting_model                      ? 
_refine.pdbx_method_to_determine_struct          ? 
_refine.pdbx_isotropic_thermal_model             ? 
_refine.pdbx_stereochemistry_target_values       ? 
_refine.pdbx_stereochem_target_val_spec_case     ? 
_refine.pdbx_R_Free_selection_details            ? 
_refine.pdbx_overall_ESU_R                       ? 
_refine.pdbx_overall_ESU_R_Free                  ? 
_refine.overall_SU_ML                            ? 
_refine.overall_SU_B                             ? 
_refine.pdbx_refine_id                           'X-RAY DIFFRACTION' 
_refine.pdbx_diffrn_id                           1 
_refine.pdbx_TLS_residual_ADP_flag               ? 
_refine.correlation_coeff_Fo_to_Fc               ? 
_refine.correlation_coeff_Fo_to_Fc_free          ? 
_refine.pdbx_solvent_vdw_probe_radii             ? 
_refine.pdbx_solvent_ion_probe_radii             ? 
_refine.pdbx_solvent_shrinkage_radii             ? 
_refine.pdbx_overall_phase_error                 ? 
_refine.overall_SU_R_Cruickshank_DPI             ? 
_refine.pdbx_overall_SU_R_free_Cruickshank_DPI   ? 
_refine.pdbx_overall_SU_R_Blow_DPI               ? 
_refine.pdbx_overall_SU_R_free_Blow_DPI          ? 
# 
_refine_hist.pdbx_refine_id                   'X-RAY DIFFRACTION' 
_refine_hist.cycle_id                         LAST 
_refine_hist.pdbx_number_atoms_protein        0 
_refine_hist.pdbx_number_atoms_nucleic_acid   243 
_refine_hist.pdbx_number_atoms_ligand         0 
_refine_hist.number_atoms_solvent             40 
_refine_hist.number_atoms_total               283 
_refine_hist.d_res_high                       2.500 
_refine_hist.d_res_low                        8.000 
# 
loop_
_refine_ls_restr.type 
_refine_ls_restr.dev_ideal 
_refine_ls_restr.dev_ideal_target 
_refine_ls_restr.weight 
_refine_ls_restr.number 
_refine_ls_restr.pdbx_refine_id 
_refine_ls_restr.pdbx_restraint_function 
n_bond_d               ?     ?     ? ? 'X-RAY DIFFRACTION' ? 
n_angle_d              ?     ?     ? ? 'X-RAY DIFFRACTION' ? 
n_planar_d             ?     ?     ? ? 'X-RAY DIFFRACTION' ? 
n_hb_or_metal_coord    ?     ?     ? ? 'X-RAY DIFFRACTION' ? 
n_sugar_bond_it        1.750 3.000 ? ? 'X-RAY DIFFRACTION' ? 
n_sugar_angle_it       2.650 4.500 ? ? 'X-RAY DIFFRACTION' ? 
n_phos_bond_it         1.790 3.000 ? ? 'X-RAY DIFFRACTION' ? 
n_phos_angle_it        2.670 4.500 ? ? 'X-RAY DIFFRACTION' ? 
n_bond_angle_restr     ?     ?     ? ? 'X-RAY DIFFRACTION' ? 
n_dihedral_angle_restr ?     ?     ? ? 'X-RAY DIFFRACTION' ? 
n_impr_tor             ?     ?     ? ? 'X-RAY DIFFRACTION' ? 
n_sugar_bond_d         0.006 0.025 ? ? 'X-RAY DIFFRACTION' ? 
n_sugar_bond_angle_d   0.016 0.050 ? ? 'X-RAY DIFFRACTION' ? 
n_phos_bond_d          0.027 0.050 ? ? 'X-RAY DIFFRACTION' ? 
n_phos_bond_angle_d    0.038 0.075 ? ? 'X-RAY DIFFRACTION' ? 
n_plane_restr          0.027 0.040 ? ? 'X-RAY DIFFRACTION' ? 
n_chiral_restr         0.057 0.100 ? ? 'X-RAY DIFFRACTION' ? 
n_singtor_nbd          0.089 0.090 ? ? 'X-RAY DIFFRACTION' ? 
n_multtor_nbd          0.206 0.090 ? ? 'X-RAY DIFFRACTION' ? 
n_xhyhbond_nbd         ?     ?     ? ? 'X-RAY DIFFRACTION' ? 
# 
_struct.entry_id                  116D 
_struct.title                     
'CRYSTAL AND MOLECULAR STRUCTURE OF THE A-DNA DODECAMER D(CCGTACGTACGG): CHOICE OF FRAGMENT HELICAL AXIS' 
_struct.pdbx_model_details        ? 
_struct.pdbx_CASP_flag            ? 
_struct.pdbx_model_type_details   ? 
# 
_struct_keywords.entry_id        116D 
_struct_keywords.pdbx_keywords   DNA 
_struct_keywords.text            'A-DNA, DOUBLE HELIX, DNA' 
# 
loop_
_struct_asym.id 
_struct_asym.pdbx_blank_PDB_chainid_flag 
_struct_asym.pdbx_modified 
_struct_asym.entity_id 
_struct_asym.details 
A N N 1 ? 
B N N 2 ? 
# 
_struct_ref.id                         1 
_struct_ref.entity_id                  1 
_struct_ref.db_name                    PDB 
_struct_ref.db_code                    116D 
_struct_ref.pdbx_db_accession          116D 
_struct_ref.pdbx_db_isoform            ? 
_struct_ref.pdbx_seq_one_letter_code   ? 
_struct_ref.pdbx_align_begin           ? 
# 
_struct_ref_seq.align_id                      1 
_struct_ref_seq.ref_id                        1 
_struct_ref_seq.pdbx_PDB_id_code              116D 
_struct_ref_seq.pdbx_strand_id                A 
_struct_ref_seq.seq_align_beg                 1 
_struct_ref_seq.pdbx_seq_align_beg_ins_code   ? 
_struct_ref_seq.seq_align_end                 12 
_struct_ref_seq.pdbx_seq_align_end_ins_code   ? 
_struct_ref_seq.pdbx_db_accession             116D 
_struct_ref_seq.db_align_beg                  1 
_struct_ref_seq.pdbx_db_align_beg_ins_code    ? 
_struct_ref_seq.db_align_end                  12 
_struct_ref_seq.pdbx_db_align_end_ins_code    ? 
_struct_ref_seq.pdbx_auth_seq_align_beg       1 
_struct_ref_seq.pdbx_auth_seq_align_end       12 
# 
_pdbx_struct_assembly.id                   1 
_pdbx_struct_assembly.details              author_defined_assembly 
_pdbx_struct_assembly.method_details       ? 
_pdbx_struct_assembly.oligomeric_details   dimeric 
_pdbx_struct_assembly.oligomeric_count     2 
# 
_pdbx_struct_assembly_gen.assembly_id       1 
_pdbx_struct_assembly_gen.oper_expression   1,2 
_pdbx_struct_assembly_gen.asym_id_list      A,B 
# 
loop_
_pdbx_struct_oper_list.id 
_pdbx_struct_oper_list.type 
_pdbx_struct_oper_list.name 
_pdbx_struct_oper_list.symmetry_operation 
_pdbx_struct_oper_list.matrix[1][1] 
_pdbx_struct_oper_list.matrix[1][2] 
_pdbx_struct_oper_list.matrix[1][3] 
_pdbx_struct_oper_list.vector[1] 
_pdbx_struct_oper_list.matrix[2][1] 
_pdbx_struct_oper_list.matrix[2][2] 
_pdbx_struct_oper_list.matrix[2][3] 
_pdbx_struct_oper_list.vector[2] 
_pdbx_struct_oper_list.matrix[3][1] 
_pdbx_struct_oper_list.matrix[3][2] 
_pdbx_struct_oper_list.matrix[3][3] 
_pdbx_struct_oper_list.vector[3] 
1 'identity operation'         1_555  x,y,z          1.0000000000  0.0000000000  0.0000000000  0.0000000000  0.0000000000  1.0000000000 0.0000000000 0.0000000000  0.0000000000  0.0000000000 1.0000000000  0.0000000000  
2 'crystal symmetry operation' 12_565 x,x-y+1,-z+1/6 -0.1699134906 -0.9229521515 -0.3453820085 -3.1808070661 -0.9229521515 0.0262071053 0.3840215016 -1.2437245040 -0.3453820085 0.3840215016 -0.8562936147 -4.3211481507 
# 
_struct_biol.id   1 
# 
loop_
_struct_conn.id 
_struct_conn.conn_type_id 
_struct_conn.pdbx_leaving_atom_flag 
_struct_conn.pdbx_PDB_id 
_struct_conn.ptnr1_label_asym_id 
_struct_conn.ptnr1_label_comp_id 
_struct_conn.ptnr1_label_seq_id 
_struct_conn.ptnr1_label_atom_id 
_struct_conn.pdbx_ptnr1_label_alt_id 
_struct_conn.pdbx_ptnr1_PDB_ins_code 
_struct_conn.pdbx_ptnr1_standard_comp_id 
_struct_conn.ptnr1_symmetry 
_struct_conn.ptnr2_label_asym_id 
_struct_conn.ptnr2_label_comp_id 
_struct_conn.ptnr2_label_seq_id 
_struct_conn.ptnr2_label_atom_id 
_struct_conn.pdbx_ptnr2_label_alt_id 
_struct_conn.pdbx_ptnr2_PDB_ins_code 
_struct_conn.ptnr1_auth_asym_id 
_struct_conn.ptnr1_auth_comp_id 
_struct_conn.ptnr1_auth_seq_id 
_struct_conn.ptnr2_auth_asym_id 
_struct_conn.ptnr2_auth_comp_id 
_struct_conn.ptnr2_auth_seq_id 
_struct_conn.ptnr2_symmetry 
_struct_conn.pdbx_ptnr3_label_atom_id 
_struct_conn.pdbx_ptnr3_label_seq_id 
_struct_conn.pdbx_ptnr3_label_comp_id 
_struct_conn.pdbx_ptnr3_label_asym_id 
_struct_conn.pdbx_ptnr3_label_alt_id 
_struct_conn.pdbx_ptnr3_PDB_ins_code 
_struct_conn.details 
_struct_conn.pdbx_dist_value 
_struct_conn.pdbx_value_order 
_struct_conn.pdbx_role 
hydrog1  hydrog ? ? A DC 1  N3 ? ? ? 1_555 A DG 12 N1 ? ? A DC 1  A DG 12 12_565 ? ? ? ? ? ? WATSON-CRICK ? ? ? 
hydrog2  hydrog ? ? A DC 1  N4 ? ? ? 1_555 A DG 12 O6 ? ? A DC 1  A DG 12 12_565 ? ? ? ? ? ? WATSON-CRICK ? ? ? 
hydrog3  hydrog ? ? A DC 1  O2 ? ? ? 1_555 A DG 12 N2 ? ? A DC 1  A DG 12 12_565 ? ? ? ? ? ? WATSON-CRICK ? ? ? 
hydrog4  hydrog ? ? A DC 2  N3 ? ? ? 1_555 A DG 11 N1 ? ? A DC 2  A DG 11 12_565 ? ? ? ? ? ? WATSON-CRICK ? ? ? 
hydrog5  hydrog ? ? A DC 2  N4 ? ? ? 1_555 A DG 11 O6 ? ? A DC 2  A DG 11 12_565 ? ? ? ? ? ? WATSON-CRICK ? ? ? 
hydrog6  hydrog ? ? A DC 2  O2 ? ? ? 1_555 A DG 11 N2 ? ? A DC 2  A DG 11 12_565 ? ? ? ? ? ? WATSON-CRICK ? ? ? 
hydrog7  hydrog ? ? A DG 3  N1 ? ? ? 1_555 A DC 10 N3 ? ? A DG 3  A DC 10 12_565 ? ? ? ? ? ? WATSON-CRICK ? ? ? 
hydrog8  hydrog ? ? A DG 3  N2 ? ? ? 1_555 A DC 10 O2 ? ? A DG 3  A DC 10 12_565 ? ? ? ? ? ? WATSON-CRICK ? ? ? 
hydrog9  hydrog ? ? A DG 3  O6 ? ? ? 1_555 A DC 10 N4 ? ? A DG 3  A DC 10 12_565 ? ? ? ? ? ? WATSON-CRICK ? ? ? 
hydrog10 hydrog ? ? A DT 4  N3 ? ? ? 1_555 A DA 9  N1 ? ? A DT 4  A DA 9  12_565 ? ? ? ? ? ? WATSON-CRICK ? ? ? 
hydrog11 hydrog ? ? A DT 4  O4 ? ? ? 1_555 A DA 9  N6 ? ? A DT 4  A DA 9  12_565 ? ? ? ? ? ? WATSON-CRICK ? ? ? 
hydrog12 hydrog ? ? A DA 5  N1 ? ? ? 1_555 A DT 8  N3 ? ? A DA 5  A DT 8  12_565 ? ? ? ? ? ? WATSON-CRICK ? ? ? 
hydrog13 hydrog ? ? A DA 5  N6 ? ? ? 1_555 A DT 8  O4 ? ? A DA 5  A DT 8  12_565 ? ? ? ? ? ? WATSON-CRICK ? ? ? 
hydrog14 hydrog ? ? A DC 6  N3 ? ? ? 1_555 A DG 7  N1 ? ? A DC 6  A DG 7  12_565 ? ? ? ? ? ? WATSON-CRICK ? ? ? 
hydrog15 hydrog ? ? A DC 6  N4 ? ? ? 1_555 A DG 7  O6 ? ? A DC 6  A DG 7  12_565 ? ? ? ? ? ? WATSON-CRICK ? ? ? 
hydrog16 hydrog ? ? A DC 6  O2 ? ? ? 1_555 A DG 7  N2 ? ? A DC 6  A DG 7  12_565 ? ? ? ? ? ? WATSON-CRICK ? ? ? 
hydrog17 hydrog ? ? A DG 7  N1 ? ? ? 1_555 A DC 6  N3 ? ? A DG 7  A DC 6  12_565 ? ? ? ? ? ? WATSON-CRICK ? ? ? 
hydrog18 hydrog ? ? A DG 7  N2 ? ? ? 1_555 A DC 6  O2 ? ? A DG 7  A DC 6  12_565 ? ? ? ? ? ? WATSON-CRICK ? ? ? 
hydrog19 hydrog ? ? A DG 7  O6 ? ? ? 1_555 A DC 6  N4 ? ? A DG 7  A DC 6  12_565 ? ? ? ? ? ? WATSON-CRICK ? ? ? 
hydrog20 hydrog ? ? A DT 8  N3 ? ? ? 1_555 A DA 5  N1 ? ? A DT 8  A DA 5  12_565 ? ? ? ? ? ? WATSON-CRICK ? ? ? 
hydrog21 hydrog ? ? A DT 8  O4 ? ? ? 1_555 A DA 5  N6 ? ? A DT 8  A DA 5  12_565 ? ? ? ? ? ? WATSON-CRICK ? ? ? 
hydrog22 hydrog ? ? A DA 9  N1 ? ? ? 1_555 A DT 4  N3 ? ? A DA 9  A DT 4  12_565 ? ? ? ? ? ? WATSON-CRICK ? ? ? 
hydrog23 hydrog ? ? A DA 9  N6 ? ? ? 1_555 A DT 4  O4 ? ? A DA 9  A DT 4  12_565 ? ? ? ? ? ? WATSON-CRICK ? ? ? 
hydrog24 hydrog ? ? A DC 10 N3 ? ? ? 1_555 A DG 3  N1 ? ? A DC 10 A DG 3  12_565 ? ? ? ? ? ? WATSON-CRICK ? ? ? 
hydrog25 hydrog ? ? A DC 10 N4 ? ? ? 1_555 A DG 3  O6 ? ? A DC 10 A DG 3  12_565 ? ? ? ? ? ? WATSON-CRICK ? ? ? 
hydrog26 hydrog ? ? A DC 10 O2 ? ? ? 1_555 A DG 3  N2 ? ? A DC 10 A DG 3  12_565 ? ? ? ? ? ? WATSON-CRICK ? ? ? 
hydrog27 hydrog ? ? A DG 11 N1 ? ? ? 1_555 A DC 2  N3 ? ? A DG 11 A DC 2  12_565 ? ? ? ? ? ? WATSON-CRICK ? ? ? 
hydrog28 hydrog ? ? A DG 11 N2 ? ? ? 1_555 A DC 2  O2 ? ? A DG 11 A DC 2  12_565 ? ? ? ? ? ? WATSON-CRICK ? ? ? 
hydrog29 hydrog ? ? A DG 11 O6 ? ? ? 1_555 A DC 2  N4 ? ? A DG 11 A DC 2  12_565 ? ? ? ? ? ? WATSON-CRICK ? ? ? 
hydrog30 hydrog ? ? A DG 12 N1 ? ? ? 1_555 A DC 1  N3 ? ? A DG 12 A DC 1  12_565 ? ? ? ? ? ? WATSON-CRICK ? ? ? 
hydrog31 hydrog ? ? A DG 12 N2 ? ? ? 1_555 A DC 1  O2 ? ? A DG 12 A DC 1  12_565 ? ? ? ? ? ? WATSON-CRICK ? ? ? 
hydrog32 hydrog ? ? A DG 12 O6 ? ? ? 1_555 A DC 1  N4 ? ? A DG 12 A DC 1  12_565 ? ? ? ? ? ? WATSON-CRICK ? ? ? 
# 
_struct_conn_type.id          hydrog 
_struct_conn_type.criteria    ? 
_struct_conn_type.reference   ? 
# 
_pdbx_validate_rmsd_bond.id                        1 
_pdbx_validate_rmsd_bond.PDB_model_num             1 
_pdbx_validate_rmsd_bond.auth_atom_id_1            "O3'" 
_pdbx_validate_rmsd_bond.auth_asym_id_1            A 
_pdbx_validate_rmsd_bond.auth_comp_id_1            DG 
_pdbx_validate_rmsd_bond.auth_seq_id_1             3 
_pdbx_validate_rmsd_bond.PDB_ins_code_1            ? 
_pdbx_validate_rmsd_bond.label_alt_id_1            ? 
_pdbx_validate_rmsd_bond.auth_atom_id_2            P 
_pdbx_validate_rmsd_bond.auth_asym_id_2            A 
_pdbx_validate_rmsd_bond.auth_comp_id_2            DT 
_pdbx_validate_rmsd_bond.auth_seq_id_2             4 
_pdbx_validate_rmsd_bond.PDB_ins_code_2            ? 
_pdbx_validate_rmsd_bond.label_alt_id_2            ? 
_pdbx_validate_rmsd_bond.bond_value                1.681 
_pdbx_validate_rmsd_bond.bond_target_value         1.607 
_pdbx_validate_rmsd_bond.bond_deviation            0.074 
_pdbx_validate_rmsd_bond.bond_standard_deviation   0.012 
_pdbx_validate_rmsd_bond.linker_flag               Y 
# 
loop_
_pdbx_validate_rmsd_angle.id 
_pdbx_validate_rmsd_angle.PDB_model_num 
_pdbx_validate_rmsd_angle.auth_atom_id_1 
_pdbx_validate_rmsd_angle.auth_asym_id_1 
_pdbx_validate_rmsd_angle.auth_comp_id_1 
_pdbx_validate_rmsd_angle.auth_seq_id_1 
_pdbx_validate_rmsd_angle.PDB_ins_code_1 
_pdbx_validate_rmsd_angle.label_alt_id_1 
_pdbx_validate_rmsd_angle.auth_atom_id_2 
_pdbx_validate_rmsd_angle.auth_asym_id_2 
_pdbx_validate_rmsd_angle.auth_comp_id_2 
_pdbx_validate_rmsd_angle.auth_seq_id_2 
_pdbx_validate_rmsd_angle.PDB_ins_code_2 
_pdbx_validate_rmsd_angle.label_alt_id_2 
_pdbx_validate_rmsd_angle.auth_atom_id_3 
_pdbx_validate_rmsd_angle.auth_asym_id_3 
_pdbx_validate_rmsd_angle.auth_comp_id_3 
_pdbx_validate_rmsd_angle.auth_seq_id_3 
_pdbx_validate_rmsd_angle.PDB_ins_code_3 
_pdbx_validate_rmsd_angle.label_alt_id_3 
_pdbx_validate_rmsd_angle.angle_value 
_pdbx_validate_rmsd_angle.angle_target_value 
_pdbx_validate_rmsd_angle.angle_deviation 
_pdbx_validate_rmsd_angle.angle_standard_deviation 
_pdbx_validate_rmsd_angle.linker_flag 
1  1 "C3'" A DC 1  ? ? "O3'" A DC 1  ? ? P     A DC 2  ? ? 111.67 119.70 -8.03  1.20 Y 
2  1 "C3'" A DC 2  ? ? "O3'" A DC 2  ? ? P     A DG 3  ? ? 108.76 119.70 -10.94 1.20 Y 
3  1 "C3'" A DG 3  ? ? "O3'" A DG 3  ? ? P     A DT 4  ? ? 109.73 119.70 -9.97  1.20 Y 
4  1 "O5'" A DT 4  ? ? "C5'" A DT 4  ? ? "C4'" A DT 4  ? ? 104.08 109.40 -5.32  0.80 N 
5  1 C2    A DT 4  ? ? N3    A DT 4  ? ? C4    A DT 4  ? ? 121.90 127.20 -5.30  0.60 N 
6  1 N3    A DT 4  ? ? C4    A DT 4  ? ? C5    A DT 4  ? ? 120.05 115.20 4.85   0.60 N 
7  1 "C3'" A DT 4  ? ? "O3'" A DT 4  ? ? P     A DA 5  ? ? 111.30 119.70 -8.40  1.20 Y 
8  1 "O4'" A DA 5  ? ? "C1'" A DA 5  ? ? N9    A DA 5  ? ? 112.80 108.30 4.50   0.30 N 
9  1 N1    A DA 5  ? ? C6    A DA 5  ? ? N6    A DA 5  ? ? 122.29 118.60 3.69   0.60 N 
10 1 "C3'" A DA 5  ? ? "O3'" A DA 5  ? ? P     A DC 6  ? ? 110.92 119.70 -8.78  1.20 Y 
11 1 "O5'" A DC 6  ? ? P     A DC 6  ? ? OP1   A DC 6  ? ? 118.00 110.70 7.30   1.20 N 
12 1 "O4'" A DC 6  ? ? "C1'" A DC 6  ? ? N1    A DC 6  ? ? 113.17 108.30 4.87   0.30 N 
13 1 "O4'" A DG 7  ? ? "C1'" A DG 7  ? ? N9    A DG 7  ? ? 110.14 108.30 1.84   0.30 N 
14 1 C5    A DG 7  ? ? C6    A DG 7  ? ? N1    A DG 7  ? ? 114.54 111.50 3.04   0.50 N 
15 1 "O5'" A DT 8  ? ? P     A DT 8  ? ? OP1   A DT 8  ? ? 120.49 110.70 9.79   1.20 N 
16 1 C2    A DT 8  ? ? N3    A DT 8  ? ? C4    A DT 8  ? ? 122.84 127.20 -4.36  0.60 N 
17 1 N3    A DT 8  ? ? C4    A DT 8  ? ? C5    A DT 8  ? ? 119.34 115.20 4.14   0.60 N 
18 1 N3    A DT 8  ? ? C4    A DT 8  ? ? O4    A DT 8  ? ? 114.83 119.90 -5.07  0.60 N 
19 1 OP1   A DA 9  ? ? P     A DA 9  ? ? OP2   A DA 9  ? ? 109.83 119.60 -9.77  1.50 N 
20 1 "O5'" A DA 9  ? ? P     A DA 9  ? ? OP1   A DA 9  ? ? 118.78 110.70 8.08   1.20 N 
21 1 "O4'" A DA 9  ? ? "C1'" A DA 9  ? ? N9    A DA 9  ? ? 111.09 108.30 2.79   0.30 N 
22 1 N1    A DA 9  ? ? C2    A DA 9  ? ? N3    A DA 9  ? ? 125.51 129.30 -3.79  0.50 N 
23 1 "C3'" A DA 9  ? ? "O3'" A DA 9  ? ? P     A DC 10 ? ? 111.84 119.70 -7.86  1.20 Y 
24 1 "O5'" A DC 10 ? ? P     A DC 10 ? ? OP2   A DC 10 ? ? 120.09 110.70 9.39   1.20 N 
25 1 "O4'" A DC 10 ? ? "C1'" A DC 10 ? ? N1    A DC 10 ? ? 112.09 108.30 3.79   0.30 N 
26 1 "O5'" A DG 11 ? ? "C5'" A DG 11 ? ? "C4'" A DG 11 ? ? 103.88 109.40 -5.52  0.80 N 
27 1 C5    A DG 11 ? ? C6    A DG 11 ? ? N1    A DG 11 ? ? 115.36 111.50 3.86   0.50 N 
28 1 "O5'" A DG 12 ? ? P     A DG 12 ? ? OP1   A DG 12 ? ? 120.56 110.70 9.86   1.20 N 
29 1 "O4'" A DG 12 ? ? "C1'" A DG 12 ? ? N9    A DG 12 ? ? 110.79 108.30 2.49   0.30 N 
30 1 C5    A DG 12 ? ? C6    A DG 12 ? ? N1    A DG 12 ? ? 114.61 111.50 3.11   0.50 N 
# 
loop_
_refine_B_iso.class 
_refine_B_iso.details 
_refine_B_iso.treatment 
_refine_B_iso.pdbx_refine_id 
'ALL ATOMS'  TR isotropic 'X-RAY DIFFRACTION' 
'ALL WATERS' TR isotropic 'X-RAY DIFFRACTION' 
# 
loop_
_refine_occupancy.class 
_refine_occupancy.treatment 
_refine_occupancy.pdbx_refine_id 
'ALL ATOMS'  fix 'X-RAY DIFFRACTION' 
'ALL WATERS' fix 'X-RAY DIFFRACTION' 
# 
loop_
_chem_comp_atom.comp_id 
_chem_comp_atom.atom_id 
_chem_comp_atom.type_symbol 
_chem_comp_atom.pdbx_aromatic_flag 
_chem_comp_atom.pdbx_stereo_config 
_chem_comp_atom.pdbx_ordinal 
DA  OP3    O N N 1   
DA  P      P N N 2   
DA  OP1    O N N 3   
DA  OP2    O N N 4   
DA  "O5'"  O N N 5   
DA  "C5'"  C N N 6   
DA  "C4'"  C N R 7   
DA  "O4'"  O N N 8   
DA  "C3'"  C N S 9   
DA  "O3'"  O N N 10  
DA  "C2'"  C N N 11  
DA  "C1'"  C N R 12  
DA  N9     N Y N 13  
DA  C8     C Y N 14  
DA  N7     N Y N 15  
DA  C5     C Y N 16  
DA  C6     C Y N 17  
DA  N6     N N N 18  
DA  N1     N Y N 19  
DA  C2     C Y N 20  
DA  N3     N Y N 21  
DA  C4     C Y N 22  
DA  HOP3   H N N 23  
DA  HOP2   H N N 24  
DA  "H5'"  H N N 25  
DA  "H5''" H N N 26  
DA  "H4'"  H N N 27  
DA  "H3'"  H N N 28  
DA  "HO3'" H N N 29  
DA  "H2'"  H N N 30  
DA  "H2''" H N N 31  
DA  "H1'"  H N N 32  
DA  H8     H N N 33  
DA  H61    H N N 34  
DA  H62    H N N 35  
DA  H2     H N N 36  
DC  OP3    O N N 37  
DC  P      P N N 38  
DC  OP1    O N N 39  
DC  OP2    O N N 40  
DC  "O5'"  O N N 41  
DC  "C5'"  C N N 42  
DC  "C4'"  C N R 43  
DC  "O4'"  O N N 44  
DC  "C3'"  C N S 45  
DC  "O3'"  O N N 46  
DC  "C2'"  C N N 47  
DC  "C1'"  C N R 48  
DC  N1     N N N 49  
DC  C2     C N N 50  
DC  O2     O N N 51  
DC  N3     N N N 52  
DC  C4     C N N 53  
DC  N4     N N N 54  
DC  C5     C N N 55  
DC  C6     C N N 56  
DC  HOP3   H N N 57  
DC  HOP2   H N N 58  
DC  "H5'"  H N N 59  
DC  "H5''" H N N 60  
DC  "H4'"  H N N 61  
DC  "H3'"  H N N 62  
DC  "HO3'" H N N 63  
DC  "H2'"  H N N 64  
DC  "H2''" H N N 65  
DC  "H1'"  H N N 66  
DC  H41    H N N 67  
DC  H42    H N N 68  
DC  H5     H N N 69  
DC  H6     H N N 70  
DG  OP3    O N N 71  
DG  P      P N N 72  
DG  OP1    O N N 73  
DG  OP2    O N N 74  
DG  "O5'"  O N N 75  
DG  "C5'"  C N N 76  
DG  "C4'"  C N R 77  
DG  "O4'"  O N N 78  
DG  "C3'"  C N S 79  
DG  "O3'"  O N N 80  
DG  "C2'"  C N N 81  
DG  "C1'"  C N R 82  
DG  N9     N Y N 83  
DG  C8     C Y N 84  
DG  N7     N Y N 85  
DG  C5     C Y N 86  
DG  C6     C N N 87  
DG  O6     O N N 88  
DG  N1     N N N 89  
DG  C2     C N N 90  
DG  N2     N N N 91  
DG  N3     N N N 92  
DG  C4     C Y N 93  
DG  HOP3   H N N 94  
DG  HOP2   H N N 95  
DG  "H5'"  H N N 96  
DG  "H5''" H N N 97  
DG  "H4'"  H N N 98  
DG  "H3'"  H N N 99  
DG  "HO3'" H N N 100 
DG  "H2'"  H N N 101 
DG  "H2''" H N N 102 
DG  "H1'"  H N N 103 
DG  H8     H N N 104 
DG  H1     H N N 105 
DG  H21    H N N 106 
DG  H22    H N N 107 
DT  OP3    O N N 108 
DT  P      P N N 109 
DT  OP1    O N N 110 
DT  OP2    O N N 111 
DT  "O5'"  O N N 112 
DT  "C5'"  C N N 113 
DT  "C4'"  C N R 114 
DT  "O4'"  O N N 115 
DT  "C3'"  C N S 116 
DT  "O3'"  O N N 117 
DT  "C2'"  C N N 118 
DT  "C1'"  C N R 119 
DT  N1     N N N 120 
DT  C2     C N N 121 
DT  O2     O N N 122 
DT  N3     N N N 123 
DT  C4     C N N 124 
DT  O4     O N N 125 
DT  C5     C N N 126 
DT  C7     C N N 127 
DT  C6     C N N 128 
DT  HOP3   H N N 129 
DT  HOP2   H N N 130 
DT  "H5'"  H N N 131 
DT  "H5''" H N N 132 
DT  "H4'"  H N N 133 
DT  "H3'"  H N N 134 
DT  "HO3'" H N N 135 
DT  "H2'"  H N N 136 
DT  "H2''" H N N 137 
DT  "H1'"  H N N 138 
DT  H3     H N N 139 
DT  H71    H N N 140 
DT  H72    H N N 141 
DT  H73    H N N 142 
DT  H6     H N N 143 
HOH O      O N N 144 
HOH H1     H N N 145 
HOH H2     H N N 146 
# 
loop_
_chem_comp_bond.comp_id 
_chem_comp_bond.atom_id_1 
_chem_comp_bond.atom_id_2 
_chem_comp_bond.value_order 
_chem_comp_bond.pdbx_aromatic_flag 
_chem_comp_bond.pdbx_stereo_config 
_chem_comp_bond.pdbx_ordinal 
DA  OP3   P      sing N N 1   
DA  OP3   HOP3   sing N N 2   
DA  P     OP1    doub N N 3   
DA  P     OP2    sing N N 4   
DA  P     "O5'"  sing N N 5   
DA  OP2   HOP2   sing N N 6   
DA  "O5'" "C5'"  sing N N 7   
DA  "C5'" "C4'"  sing N N 8   
DA  "C5'" "H5'"  sing N N 9   
DA  "C5'" "H5''" sing N N 10  
DA  "C4'" "O4'"  sing N N 11  
DA  "C4'" "C3'"  sing N N 12  
DA  "C4'" "H4'"  sing N N 13  
DA  "O4'" "C1'"  sing N N 14  
DA  "C3'" "O3'"  sing N N 15  
DA  "C3'" "C2'"  sing N N 16  
DA  "C3'" "H3'"  sing N N 17  
DA  "O3'" "HO3'" sing N N 18  
DA  "C2'" "C1'"  sing N N 19  
DA  "C2'" "H2'"  sing N N 20  
DA  "C2'" "H2''" sing N N 21  
DA  "C1'" N9     sing N N 22  
DA  "C1'" "H1'"  sing N N 23  
DA  N9    C8     sing Y N 24  
DA  N9    C4     sing Y N 25  
DA  C8    N7     doub Y N 26  
DA  C8    H8     sing N N 27  
DA  N7    C5     sing Y N 28  
DA  C5    C6     sing Y N 29  
DA  C5    C4     doub Y N 30  
DA  C6    N6     sing N N 31  
DA  C6    N1     doub Y N 32  
DA  N6    H61    sing N N 33  
DA  N6    H62    sing N N 34  
DA  N1    C2     sing Y N 35  
DA  C2    N3     doub Y N 36  
DA  C2    H2     sing N N 37  
DA  N3    C4     sing Y N 38  
DC  OP3   P      sing N N 39  
DC  OP3   HOP3   sing N N 40  
DC  P     OP1    doub N N 41  
DC  P     OP2    sing N N 42  
DC  P     "O5'"  sing N N 43  
DC  OP2   HOP2   sing N N 44  
DC  "O5'" "C5'"  sing N N 45  
DC  "C5'" "C4'"  sing N N 46  
DC  "C5'" "H5'"  sing N N 47  
DC  "C5'" "H5''" sing N N 48  
DC  "C4'" "O4'"  sing N N 49  
DC  "C4'" "C3'"  sing N N 50  
DC  "C4'" "H4'"  sing N N 51  
DC  "O4'" "C1'"  sing N N 52  
DC  "C3'" "O3'"  sing N N 53  
DC  "C3'" "C2'"  sing N N 54  
DC  "C3'" "H3'"  sing N N 55  
DC  "O3'" "HO3'" sing N N 56  
DC  "C2'" "C1'"  sing N N 57  
DC  "C2'" "H2'"  sing N N 58  
DC  "C2'" "H2''" sing N N 59  
DC  "C1'" N1     sing N N 60  
DC  "C1'" "H1'"  sing N N 61  
DC  N1    C2     sing N N 62  
DC  N1    C6     sing N N 63  
DC  C2    O2     doub N N 64  
DC  C2    N3     sing N N 65  
DC  N3    C4     doub N N 66  
DC  C4    N4     sing N N 67  
DC  C4    C5     sing N N 68  
DC  N4    H41    sing N N 69  
DC  N4    H42    sing N N 70  
DC  C5    C6     doub N N 71  
DC  C5    H5     sing N N 72  
DC  C6    H6     sing N N 73  
DG  OP3   P      sing N N 74  
DG  OP3   HOP3   sing N N 75  
DG  P     OP1    doub N N 76  
DG  P     OP2    sing N N 77  
DG  P     "O5'"  sing N N 78  
DG  OP2   HOP2   sing N N 79  
DG  "O5'" "C5'"  sing N N 80  
DG  "C5'" "C4'"  sing N N 81  
DG  "C5'" "H5'"  sing N N 82  
DG  "C5'" "H5''" sing N N 83  
DG  "C4'" "O4'"  sing N N 84  
DG  "C4'" "C3'"  sing N N 85  
DG  "C4'" "H4'"  sing N N 86  
DG  "O4'" "C1'"  sing N N 87  
DG  "C3'" "O3'"  sing N N 88  
DG  "C3'" "C2'"  sing N N 89  
DG  "C3'" "H3'"  sing N N 90  
DG  "O3'" "HO3'" sing N N 91  
DG  "C2'" "C1'"  sing N N 92  
DG  "C2'" "H2'"  sing N N 93  
DG  "C2'" "H2''" sing N N 94  
DG  "C1'" N9     sing N N 95  
DG  "C1'" "H1'"  sing N N 96  
DG  N9    C8     sing Y N 97  
DG  N9    C4     sing Y N 98  
DG  C8    N7     doub Y N 99  
DG  C8    H8     sing N N 100 
DG  N7    C5     sing Y N 101 
DG  C5    C6     sing N N 102 
DG  C5    C4     doub Y N 103 
DG  C6    O6     doub N N 104 
DG  C6    N1     sing N N 105 
DG  N1    C2     sing N N 106 
DG  N1    H1     sing N N 107 
DG  C2    N2     sing N N 108 
DG  C2    N3     doub N N 109 
DG  N2    H21    sing N N 110 
DG  N2    H22    sing N N 111 
DG  N3    C4     sing N N 112 
DT  OP3   P      sing N N 113 
DT  OP3   HOP3   sing N N 114 
DT  P     OP1    doub N N 115 
DT  P     OP2    sing N N 116 
DT  P     "O5'"  sing N N 117 
DT  OP2   HOP2   sing N N 118 
DT  "O5'" "C5'"  sing N N 119 
DT  "C5'" "C4'"  sing N N 120 
DT  "C5'" "H5'"  sing N N 121 
DT  "C5'" "H5''" sing N N 122 
DT  "C4'" "O4'"  sing N N 123 
DT  "C4'" "C3'"  sing N N 124 
DT  "C4'" "H4'"  sing N N 125 
DT  "O4'" "C1'"  sing N N 126 
DT  "C3'" "O3'"  sing N N 127 
DT  "C3'" "C2'"  sing N N 128 
DT  "C3'" "H3'"  sing N N 129 
DT  "O3'" "HO3'" sing N N 130 
DT  "C2'" "C1'"  sing N N 131 
DT  "C2'" "H2'"  sing N N 132 
DT  "C2'" "H2''" sing N N 133 
DT  "C1'" N1     sing N N 134 
DT  "C1'" "H1'"  sing N N 135 
DT  N1    C2     sing N N 136 
DT  N1    C6     sing N N 137 
DT  C2    O2     doub N N 138 
DT  C2    N3     sing N N 139 
DT  N3    C4     sing N N 140 
DT  N3    H3     sing N N 141 
DT  C4    O4     doub N N 142 
DT  C4    C5     sing N N 143 
DT  C5    C7     sing N N 144 
DT  C5    C6     doub N N 145 
DT  C7    H71    sing N N 146 
DT  C7    H72    sing N N 147 
DT  C7    H73    sing N N 148 
DT  C6    H6     sing N N 149 
HOH O     H1     sing N N 150 
HOH O     H2     sing N N 151 
# 
_ndb_struct_conf_na.entry_id   116D 
_ndb_struct_conf_na.feature    'a-form double helix' 
# 
loop_
_ndb_struct_na_base_pair.model_number 
_ndb_struct_na_base_pair.i_label_asym_id 
_ndb_struct_na_base_pair.i_label_comp_id 
_ndb_struct_na_base_pair.i_label_seq_id 
_ndb_struct_na_base_pair.i_symmetry 
_ndb_struct_na_base_pair.j_label_asym_id 
_ndb_struct_na_base_pair.j_label_comp_id 
_ndb_struct_na_base_pair.j_label_seq_id 
_ndb_struct_na_base_pair.j_symmetry 
_ndb_struct_na_base_pair.shear 
_ndb_struct_na_base_pair.stretch 
_ndb_struct_na_base_pair.stagger 
_ndb_struct_na_base_pair.buckle 
_ndb_struct_na_base_pair.propeller 
_ndb_struct_na_base_pair.opening 
_ndb_struct_na_base_pair.pair_number 
_ndb_struct_na_base_pair.pair_name 
_ndb_struct_na_base_pair.i_auth_asym_id 
_ndb_struct_na_base_pair.i_auth_seq_id 
_ndb_struct_na_base_pair.i_PDB_ins_code 
_ndb_struct_na_base_pair.j_auth_asym_id 
_ndb_struct_na_base_pair.j_auth_seq_id 
_ndb_struct_na_base_pair.j_PDB_ins_code 
_ndb_struct_na_base_pair.hbond_type_28 
_ndb_struct_na_base_pair.hbond_type_12 
1 A DC 1  1_555 A DG 12 12_565 -0.136 -0.053 0.086  -6.191 -4.220  -0.609 1  A_DC1:DG12_A A 1  ? A 12 ? 19 1 
1 A DC 2  1_555 A DG 11 12_565 0.095  -0.152 0.227  -0.885 -5.317  -2.608 2  A_DC2:DG11_A A 2  ? A 11 ? 19 1 
1 A DG 3  1_555 A DC 10 12_565 0.008  -0.120 0.196  0.261  -7.162  -1.989 3  A_DG3:DC10_A A 3  ? A 10 ? 19 1 
1 A DT 4  1_555 A DA 9  12_565 0.180  -0.163 -0.046 0.846  -10.398 -3.223 4  A_DT4:DA9_A  A 4  ? A 9  ? 20 1 
1 A DA 5  1_555 A DT 8  12_565 -0.682 -0.314 0.051  2.445  -14.140 0.737  5  A_DA5:DT8_A  A 5  ? A 8  ? 20 1 
1 A DC 6  1_555 A DG 7  12_565 0.054  -0.180 -0.515 5.742  -11.967 -0.324 6  A_DC6:DG7_A  A 6  ? A 7  ? 19 1 
1 A DG 7  1_555 A DC 6  12_565 -0.054 -0.180 -0.515 -5.742 -11.967 -0.324 7  A_DG7:DC6_A  A 7  ? A 6  ? 19 1 
1 A DT 8  1_555 A DA 5  12_565 0.682  -0.314 0.051  -2.445 -14.140 0.737  8  A_DT8:DA5_A  A 8  ? A 5  ? 20 1 
1 A DA 9  1_555 A DT 4  12_565 -0.180 -0.163 -0.046 -0.846 -10.398 -3.223 9  A_DA9:DT4_A  A 9  ? A 4  ? 20 1 
1 A DC 10 1_555 A DG 3  12_565 -0.008 -0.120 0.196  -0.261 -7.162  -1.989 10 A_DC10:DG3_A A 10 ? A 3  ? 19 1 
1 A DG 11 1_555 A DC 2  12_565 -0.095 -0.152 0.227  0.885  -5.317  -2.608 11 A_DG11:DC2_A A 11 ? A 2  ? 19 1 
1 A DG 12 1_555 A DC 1  12_565 0.136  -0.053 0.086  6.191  -4.220  -0.609 12 A_DG12:DC1_A A 12 ? A 1  ? 19 1 
# 
loop_
_ndb_struct_na_base_pair_step.model_number 
_ndb_struct_na_base_pair_step.i_label_asym_id_1 
_ndb_struct_na_base_pair_step.i_label_comp_id_1 
_ndb_struct_na_base_pair_step.i_label_seq_id_1 
_ndb_struct_na_base_pair_step.i_symmetry_1 
_ndb_struct_na_base_pair_step.j_label_asym_id_1 
_ndb_struct_na_base_pair_step.j_label_comp_id_1 
_ndb_struct_na_base_pair_step.j_label_seq_id_1 
_ndb_struct_na_base_pair_step.j_symmetry_1 
_ndb_struct_na_base_pair_step.i_label_asym_id_2 
_ndb_struct_na_base_pair_step.i_label_comp_id_2 
_ndb_struct_na_base_pair_step.i_label_seq_id_2 
_ndb_struct_na_base_pair_step.i_symmetry_2 
_ndb_struct_na_base_pair_step.j_label_asym_id_2 
_ndb_struct_na_base_pair_step.j_label_comp_id_2 
_ndb_struct_na_base_pair_step.j_label_seq_id_2 
_ndb_struct_na_base_pair_step.j_symmetry_2 
_ndb_struct_na_base_pair_step.shift 
_ndb_struct_na_base_pair_step.slide 
_ndb_struct_na_base_pair_step.rise 
_ndb_struct_na_base_pair_step.tilt 
_ndb_struct_na_base_pair_step.roll 
_ndb_struct_na_base_pair_step.twist 
_ndb_struct_na_base_pair_step.x_displacement 
_ndb_struct_na_base_pair_step.y_displacement 
_ndb_struct_na_base_pair_step.helical_rise 
_ndb_struct_na_base_pair_step.inclination 
_ndb_struct_na_base_pair_step.tip 
_ndb_struct_na_base_pair_step.helical_twist 
_ndb_struct_na_base_pair_step.step_number 
_ndb_struct_na_base_pair_step.step_name 
_ndb_struct_na_base_pair_step.i_auth_asym_id_1 
_ndb_struct_na_base_pair_step.i_auth_seq_id_1 
_ndb_struct_na_base_pair_step.i_PDB_ins_code_1 
_ndb_struct_na_base_pair_step.j_auth_asym_id_1 
_ndb_struct_na_base_pair_step.j_auth_seq_id_1 
_ndb_struct_na_base_pair_step.j_PDB_ins_code_1 
_ndb_struct_na_base_pair_step.i_auth_asym_id_2 
_ndb_struct_na_base_pair_step.i_auth_seq_id_2 
_ndb_struct_na_base_pair_step.i_PDB_ins_code_2 
_ndb_struct_na_base_pair_step.j_auth_asym_id_2 
_ndb_struct_na_base_pair_step.j_auth_seq_id_2 
_ndb_struct_na_base_pair_step.j_PDB_ins_code_2 
1 A DC 1  1_555 A DG 12 12_565 A DC 2  1_555 A DG 11 12_565 -0.060 -1.726 3.261 -2.111 1.236  29.660 -3.616 -0.320 3.184 2.409  
4.115  29.759 1  AA_DC1DC2:DG11DG12_AA A 1  ? A 12 ? A 2  ? A 11 ? 
1 A DC 2  1_555 A DG 11 12_565 A DG 3  1_555 A DC 10 12_565 0.101  -1.889 3.335 -0.356 3.816  31.797 -4.103 -0.247 3.092 6.934  
0.647  32.022 2  AA_DC2DG3:DC10DG11_AA A 2  ? A 11 ? A 3  ? A 10 ? 
1 A DG 3  1_555 A DC 10 12_565 A DT 4  1_555 A DA 9  12_565 -0.407 -1.372 3.248 1.468  4.899  33.172 -3.148 0.937  3.000 8.518  
-2.553 33.553 3  AA_DG3DT4:DA9DC10_AA  A 3  ? A 10 ? A 4  ? A 9  ? 
1 A DT 4  1_555 A DA 9  12_565 A DA 5  1_555 A DT 8  12_565 0.086  -1.332 3.323 -0.248 9.301  27.052 -4.707 -0.228 2.723 19.177 
0.511  28.579 4  AA_DT4DA5:DT8DA9_AA   A 4  ? A 9  ? A 5  ? A 8  ? 
1 A DA 5  1_555 A DT 8  12_565 A DC 6  1_555 A DG 7  12_565 0.112  -1.370 3.296 2.431  10.960 34.585 -3.652 0.142  2.751 17.862 
-3.961 36.308 5  AA_DA5DC6:DG7DT8_AA   A 5  ? A 8  ? A 6  ? A 7  ? 
1 A DC 6  1_555 A DG 7  12_565 A DG 7  1_555 A DC 6  12_565 0.000  -1.330 3.674 0.000  21.965 27.741 -5.444 0.000  2.096 38.990 
0.000  35.249 6  AA_DC6DG7:DC6DG7_AA   A 6  ? A 7  ? A 7  ? A 6  ? 
1 A DG 7  1_555 A DC 6  12_565 A DT 8  1_555 A DA 5  12_565 -0.112 -1.370 3.296 -2.431 10.960 34.585 -3.652 -0.142 2.751 17.862 
3.961  36.308 7  AA_DG7DT8:DA5DC6_AA   A 7  ? A 6  ? A 8  ? A 5  ? 
1 A DT 8  1_555 A DA 5  12_565 A DA 9  1_555 A DT 4  12_565 -0.086 -1.332 3.323 0.248  9.301  27.052 -4.707 0.228  2.723 19.177 
-0.511 28.579 8  AA_DT8DA9:DT4DA5_AA   A 8  ? A 5  ? A 9  ? A 4  ? 
1 A DA 9  1_555 A DT 4  12_565 A DC 10 1_555 A DG 3  12_565 0.407  -1.372 3.248 -1.468 4.899  33.172 -3.148 -0.937 3.000 8.518  
2.553  33.553 9  AA_DA9DC10:DG3DT4_AA  A 9  ? A 4  ? A 10 ? A 3  ? 
1 A DC 10 1_555 A DG 3  12_565 A DG 11 1_555 A DC 2  12_565 -0.101 -1.889 3.335 0.356  3.816  31.797 -4.103 0.247  3.092 6.934  
-0.647 32.022 10 AA_DC10DG11:DC2DG3_AA A 10 ? A 3  ? A 11 ? A 2  ? 
1 A DG 11 1_555 A DC 2  12_565 A DG 12 1_555 A DC 1  12_565 0.060  -1.726 3.261 2.111  1.236  29.660 -3.616 0.320  3.184 2.409  
-4.115 29.759 11 AA_DG11DG12:DC1DC2_AA A 11 ? A 2  ? A 12 ? A 1  ? 
# 
_atom_sites.entry_id                    116D 
_atom_sites.fract_transf_matrix[1][1]   -0.01610186 
_atom_sites.fract_transf_matrix[1][2]   0.01790331 
_atom_sites.fract_transf_matrix[1][3]   0.00669944 
_atom_sites.fract_transf_matrix[2][1]   -0.00911976 
_atom_sites.fract_transf_matrix[2][2]   0.01567908 
_atom_sites.fract_transf_matrix[2][3]   -0.01719583 
_atom_sites.fract_transf_matrix[3][1]   -0.01067453 
_atom_sites.fract_transf_matrix[3][2]   -0.00873764 
_atom_sites.fract_transf_matrix[3][3]   -0.00230573 
_atom_sites.fract_transf_vector[1]      0.232657 
_atom_sites.fract_transf_vector[2]      0.574431 
_atom_sites.fract_transf_vector[3]      0.055941 
# 
loop_
_atom_type.symbol 
C 
N 
O 
P 
# 
loop_
_atom_site.group_PDB 
_atom_site.id 
_atom_site.type_symbol 
_atom_site.label_atom_id 
_atom_site.label_alt_id 
_atom_site.label_comp_id 
_atom_site.label_asym_id 
_atom_site.label_entity_id 
_atom_site.label_seq_id 
_atom_site.pdbx_PDB_ins_code 
_atom_site.Cartn_x 
_atom_site.Cartn_y 
_atom_site.Cartn_z 
_atom_site.occupancy 
_atom_site.B_iso_or_equiv 
_atom_site.pdbx_formal_charge 
_atom_site.auth_seq_id 
_atom_site.auth_comp_id 
_atom_site.auth_asym_id 
_atom_site.auth_atom_id 
_atom_site.pdbx_PDB_model_num 
ATOM   1   O "O5'" . DC  A 1 1  ? -6.507  8.464   -15.769 1.00 51.92 ? 1  DC  A "O5'" 1 
ATOM   2   C "C5'" . DC  A 1 1  ? -6.363  8.725   -14.345 1.00 50.45 ? 1  DC  A "C5'" 1 
ATOM   3   C "C4'" . DC  A 1 1  ? -7.755  8.712   -13.746 1.00 49.36 ? 1  DC  A "C4'" 1 
ATOM   4   O "O4'" . DC  A 1 1  ? -8.649  8.023   -14.592 1.00 49.40 ? 1  DC  A "O4'" 1 
ATOM   5   C "C3'" . DC  A 1 1  ? -7.873  8.008   -12.400 1.00 48.24 ? 1  DC  A "C3'" 1 
ATOM   6   O "O3'" . DC  A 1 1  ? -7.526  8.851   -11.298 1.00 46.65 ? 1  DC  A "O3'" 1 
ATOM   7   C "C2'" . DC  A 1 1  ? -9.341  7.580   -12.355 1.00 47.50 ? 1  DC  A "C2'" 1 
ATOM   8   C "C1'" . DC  A 1 1  ? -9.620  7.299   -13.811 1.00 46.81 ? 1  DC  A "C1'" 1 
ATOM   9   N N1    . DC  A 1 1  ? -9.492  5.857   -14.101 1.00 46.11 ? 1  DC  A N1    1 
ATOM   10  C C2    . DC  A 1 1  ? -10.483 5.024   -13.597 1.00 44.50 ? 1  DC  A C2    1 
ATOM   11  O O2    . DC  A 1 1  ? -11.373 5.515   -12.898 1.00 44.84 ? 1  DC  A O2    1 
ATOM   12  N N3    . DC  A 1 1  ? -10.401 3.704   -13.919 1.00 44.13 ? 1  DC  A N3    1 
ATOM   13  C C4    . DC  A 1 1  ? -9.425  3.217   -14.730 1.00 43.55 ? 1  DC  A C4    1 
ATOM   14  N N4    . DC  A 1 1  ? -9.411  1.909   -14.994 1.00 43.94 ? 1  DC  A N4    1 
ATOM   15  C C5    . DC  A 1 1  ? -8.415  4.073   -15.235 1.00 44.55 ? 1  DC  A C5    1 
ATOM   16  C C6    . DC  A 1 1  ? -8.501  5.374   -14.904 1.00 45.55 ? 1  DC  A C6    1 
ATOM   17  P P     . DC  A 1 2  ? -6.638  8.057   -10.191 1.00 45.46 ? 2  DC  A P     1 
ATOM   18  O OP1   . DC  A 1 2  ? -6.057  9.198   -9.441  1.00 46.85 ? 2  DC  A OP1   1 
ATOM   19  O OP2   . DC  A 1 2  ? -5.771  7.086   -10.872 1.00 43.73 ? 2  DC  A OP2   1 
ATOM   20  O "O5'" . DC  A 1 2  ? -7.779  7.288   -9.368  1.00 45.34 ? 2  DC  A "O5'" 1 
ATOM   21  C "C5'" . DC  A 1 2  ? -8.674  7.998   -8.479  1.00 41.56 ? 2  DC  A "C5'" 1 
ATOM   22  C "C4'" . DC  A 1 2  ? -9.851  7.071   -8.279  1.00 40.81 ? 2  DC  A "C4'" 1 
ATOM   23  O "O4'" . DC  A 1 2  ? -10.163 6.409   -9.481  1.00 39.33 ? 2  DC  A "O4'" 1 
ATOM   24  C "C3'" . DC  A 1 2  ? -9.632  5.908   -7.316  1.00 40.91 ? 2  DC  A "C3'" 1 
ATOM   25  O "O3'" . DC  A 1 2  ? -9.620  6.287   -5.942  1.00 40.67 ? 2  DC  A "O3'" 1 
ATOM   26  C "C2'" . DC  A 1 2  ? -10.807 4.995   -7.654  1.00 39.27 ? 2  DC  A "C2'" 1 
ATOM   27  C "C1'" . DC  A 1 2  ? -10.848 5.180   -9.161  1.00 38.54 ? 2  DC  A "C1'" 1 
ATOM   28  N N1    . DC  A 1 2  ? -10.180 4.046   -9.822  1.00 38.04 ? 2  DC  A N1    1 
ATOM   29  C C2    . DC  A 1 2  ? -10.798 2.809   -9.733  1.00 36.57 ? 2  DC  A C2    1 
ATOM   30  O O2    . DC  A 1 2  ? -11.803 2.643   -9.049  1.00 35.77 ? 2  DC  A O2    1 
ATOM   31  N N3    . DC  A 1 2  ? -10.216 1.772   -10.400 1.00 36.38 ? 2  DC  A N3    1 
ATOM   32  C C4    . DC  A 1 2  ? -9.057  1.933   -11.089 1.00 36.73 ? 2  DC  A C4    1 
ATOM   33  N N4    . DC  A 1 2  ? -8.543  0.874   -11.711 1.00 39.41 ? 2  DC  A N4    1 
ATOM   34  C C5    . DC  A 1 2  ? -8.457  3.213   -11.216 1.00 37.04 ? 2  DC  A C5    1 
ATOM   35  C C6    . DC  A 1 2  ? -9.061  4.230   -10.579 1.00 38.16 ? 2  DC  A C6    1 
ATOM   36  P P     . DG  A 1 3  ? -8.422  5.443   -5.166  1.00 41.11 ? 3  DG  A P     1 
ATOM   37  O OP1   . DG  A 1 3  ? -8.175  6.454   -4.113  1.00 42.11 ? 3  DG  A OP1   1 
ATOM   38  O OP2   . DG  A 1 3  ? -7.339  5.165   -6.134  1.00 39.41 ? 3  DG  A OP2   1 
ATOM   39  O "O5'" . DG  A 1 3  ? -9.261  4.154   -4.768  1.00 38.81 ? 3  DG  A "O5'" 1 
ATOM   40  C "C5'" . DG  A 1 3  ? -10.422 4.402   -3.937  1.00 38.22 ? 3  DG  A "C5'" 1 
ATOM   41  C "C4'" . DG  A 1 3  ? -11.292 3.166   -4.069  1.00 36.23 ? 3  DG  A "C4'" 1 
ATOM   42  O "O4'" . DG  A 1 3  ? -11.287 2.720   -5.402  1.00 34.91 ? 3  DG  A "O4'" 1 
ATOM   43  C "C3'" . DG  A 1 3  ? -10.788 1.990   -3.251  1.00 35.28 ? 3  DG  A "C3'" 1 
ATOM   44  O "O3'" . DG  A 1 3  ? -11.218 2.051   -1.880  1.00 36.14 ? 3  DG  A "O3'" 1 
ATOM   45  C "C2'" . DG  A 1 3  ? -11.340 0.794   -4.008  1.00 34.33 ? 3  DG  A "C2'" 1 
ATOM   46  C "C1'" . DG  A 1 3  ? -11.382 1.277   -5.429  1.00 32.98 ? 3  DG  A "C1'" 1 
ATOM   47  N N9    . DG  A 1 3  ? -10.260 0.772   -6.240  1.00 31.53 ? 3  DG  A N9    1 
ATOM   48  C C8    . DG  A 1 3  ? -9.276  1.538   -6.802  1.00 32.21 ? 3  DG  A C8    1 
ATOM   49  N N7    . DG  A 1 3  ? -8.459  0.871   -7.576  1.00 32.58 ? 3  DG  A N7    1 
ATOM   50  C C5    . DG  A 1 3  ? -8.974  -0.430  -7.547  1.00 31.88 ? 3  DG  A C5    1 
ATOM   51  C C6    . DG  A 1 3  ? -8.570  -1.604  -8.227  1.00 31.25 ? 3  DG  A C6    1 
ATOM   52  O O6    . DG  A 1 3  ? -7.635  -1.704  -9.012  1.00 31.29 ? 3  DG  A O6    1 
ATOM   53  N N1    . DG  A 1 3  ? -9.342  -2.711  -7.961  1.00 31.34 ? 3  DG  A N1    1 
ATOM   54  C C2    . DG  A 1 3  ? -10.433 -2.646  -7.143  1.00 32.02 ? 3  DG  A C2    1 
ATOM   55  N N2    . DG  A 1 3  ? -11.105 -3.791  -6.982  1.00 31.63 ? 3  DG  A N2    1 
ATOM   56  N N3    . DG  A 1 3  ? -10.864 -1.564  -6.475  1.00 32.08 ? 3  DG  A N3    1 
ATOM   57  C C4    . DG  A 1 3  ? -10.087 -0.486  -6.741  1.00 32.08 ? 3  DG  A C4    1 
ATOM   58  P P     . DT  A 1 4  ? -10.054 1.352   -0.889  1.00 32.83 ? 4  DT  A P     1 
ATOM   59  O OP1   . DT  A 1 4  ? -10.629 1.665   0.370   1.00 32.68 ? 4  DT  A OP1   1 
ATOM   60  O OP2   . DT  A 1 4  ? -8.843  1.991   -1.414  1.00 34.55 ? 4  DT  A OP2   1 
ATOM   61  O "O5'" . DT  A 1 4  ? -10.191 -0.192  -1.300  1.00 32.63 ? 4  DT  A "O5'" 1 
ATOM   62  C "C5'" . DT  A 1 4  ? -11.357 -0.808  -0.679  1.00 32.62 ? 4  DT  A "C5'" 1 
ATOM   63  C "C4'" . DT  A 1 4  ? -11.254 -2.262  -1.066  1.00 33.11 ? 4  DT  A "C4'" 1 
ATOM   64  O "O4'" . DT  A 1 4  ? -11.131 -2.362  -2.477  1.00 31.98 ? 4  DT  A "O4'" 1 
ATOM   65  C "C3'" . DT  A 1 4  ? -10.011 -2.963  -0.567  1.00 34.89 ? 4  DT  A "C3'" 1 
ATOM   66  O "O3'" . DT  A 1 4  ? -10.061 -3.334  0.809   1.00 39.50 ? 4  DT  A "O3'" 1 
ATOM   67  C "C2'" . DT  A 1 4  ? -9.954  -4.168  -1.509  1.00 33.05 ? 4  DT  A "C2'" 1 
ATOM   68  C "C1'" . DT  A 1 4  ? -10.385 -3.549  -2.810  1.00 27.29 ? 4  DT  A "C1'" 1 
ATOM   69  N N1    . DT  A 1 4  ? -9.224  -3.144  -3.609  1.00 25.21 ? 4  DT  A N1    1 
ATOM   70  C C2    . DT  A 1 4  ? -8.687  -4.091  -4.461  1.00 24.64 ? 4  DT  A C2    1 
ATOM   71  O O2    . DT  A 1 4  ? -9.099  -5.245  -4.469  1.00 27.21 ? 4  DT  A O2    1 
ATOM   72  N N3    . DT  A 1 4  ? -7.670  -3.700  -5.271  1.00 24.10 ? 4  DT  A N3    1 
ATOM   73  C C4    . DT  A 1 4  ? -7.171  -2.431  -5.239  1.00 24.32 ? 4  DT  A C4    1 
ATOM   74  O O4    . DT  A 1 4  ? -6.251  -2.159  -6.055  1.00 26.47 ? 4  DT  A O4    1 
ATOM   75  C C5    . DT  A 1 4  ? -7.753  -1.462  -4.390  1.00 23.47 ? 4  DT  A C5    1 
ATOM   76  C C7    . DT  A 1 4  ? -7.242  -0.045  -4.410  1.00 24.41 ? 4  DT  A C7    1 
ATOM   77  C C6    . DT  A 1 4  ? -8.776  -1.859  -3.611  1.00 24.68 ? 4  DT  A C6    1 
ATOM   78  P P     . DA  A 1 5  ? -8.541  -3.719  1.390   1.00 41.37 ? 5  DA  A P     1 
ATOM   79  O OP1   . DA  A 1 5  ? -8.876  -3.632  2.827   1.00 42.49 ? 5  DA  A OP1   1 
ATOM   80  O OP2   . DA  A 1 5  ? -7.640  -2.641  0.854   1.00 39.52 ? 5  DA  A OP2   1 
ATOM   81  O "O5'" . DA  A 1 5  ? -8.237  -5.151  0.858   1.00 38.65 ? 5  DA  A "O5'" 1 
ATOM   82  C "C5'" . DA  A 1 5  ? -8.653  -6.381  1.500   1.00 37.02 ? 5  DA  A "C5'" 1 
ATOM   83  C "C4'" . DA  A 1 5  ? -8.116  -7.506  0.632   1.00 36.08 ? 5  DA  A "C4'" 1 
ATOM   84  O "O4'" . DA  A 1 5  ? -8.184  -7.174  -0.746  1.00 35.77 ? 5  DA  A "O4'" 1 
ATOM   85  C "C3'" . DA  A 1 5  ? -6.642  -7.798  0.851   1.00 36.43 ? 5  DA  A "C3'" 1 
ATOM   86  O "O3'" . DA  A 1 5  ? -6.371  -8.572  2.019   1.00 39.38 ? 5  DA  A "O3'" 1 
ATOM   87  C "C2'" . DA  A 1 5  ? -6.263  -8.510  -0.453  1.00 34.86 ? 5  DA  A "C2'" 1 
ATOM   88  C "C1'" . DA  A 1 5  ? -7.053  -7.712  -1.470  1.00 31.68 ? 5  DA  A "C1'" 1 
ATOM   89  N N9    . DA  A 1 5  ? -6.221  -6.666  -2.086  1.00 28.68 ? 5  DA  A N9    1 
ATOM   90  C C8    . DA  A 1 5  ? -6.214  -5.313  -1.821  1.00 27.71 ? 5  DA  A C8    1 
ATOM   91  N N7    . DA  A 1 5  ? -5.421  -4.625  -2.591  1.00 27.21 ? 5  DA  A N7    1 
ATOM   92  C C5    . DA  A 1 5  ? -4.871  -5.576  -3.442  1.00 27.47 ? 5  DA  A C5    1 
ATOM   93  C C6    . DA  A 1 5  ? -3.908  -5.470  -4.489  1.00 28.35 ? 5  DA  A C6    1 
ATOM   94  N N6    . DA  A 1 5  ? -3.349  -4.311  -4.834  1.00 27.67 ? 5  DA  A N6    1 
ATOM   95  N N1    . DA  A 1 5  ? -3.571  -6.651  -5.088  1.00 25.85 ? 5  DA  A N1    1 
ATOM   96  C C2    . DA  A 1 5  ? -4.188  -7.816  -4.753  1.00 26.42 ? 5  DA  A C2    1 
ATOM   97  N N3    . DA  A 1 5  ? -5.067  -7.997  -3.771  1.00 28.13 ? 5  DA  A N3    1 
ATOM   98  C C4    . DA  A 1 5  ? -5.352  -6.833  -3.135  1.00 27.62 ? 5  DA  A C4    1 
ATOM   99  P P     . DC  A 1 6  ? -4.977  -8.084  2.737   1.00 41.62 ? 6  DC  A P     1 
ATOM   100 O OP1   . DC  A 1 6  ? -5.319  -8.425  4.138   1.00 43.58 ? 6  DC  A OP1   1 
ATOM   101 O OP2   . DC  A 1 6  ? -4.813  -6.588  2.553   1.00 41.71 ? 6  DC  A OP2   1 
ATOM   102 O "O5'" . DC  A 1 6  ? -3.837  -8.885  2.048   1.00 39.95 ? 6  DC  A "O5'" 1 
ATOM   103 C "C5'" . DC  A 1 6  ? -4.135  -10.200 1.519   1.00 38.67 ? 6  DC  A "C5'" 1 
ATOM   104 C "C4'" . DC  A 1 6  ? -2.940  -10.573 0.656   1.00 36.86 ? 6  DC  A "C4'" 1 
ATOM   105 O "O4'" . DC  A 1 6  ? -3.157  -10.058 -0.645  1.00 36.57 ? 6  DC  A "O4'" 1 
ATOM   106 C "C3'" . DC  A 1 6  ? -1.607  -9.993  1.087   1.00 37.34 ? 6  DC  A "C3'" 1 
ATOM   107 O "O3'" . DC  A 1 6  ? -0.925  -10.727 2.103   1.00 40.22 ? 6  DC  A "O3'" 1 
ATOM   108 C "C2'" . DC  A 1 6  ? -0.831  -10.031 -0.231  1.00 35.97 ? 6  DC  A "C2'" 1 
ATOM   109 C "C1'" . DC  A 1 6  ? -1.910  -9.642  -1.223  1.00 32.89 ? 6  DC  A "C1'" 1 
ATOM   110 N N1    . DC  A 1 6  ? -1.844  -8.191  -1.476  1.00 28.93 ? 6  DC  A N1    1 
ATOM   111 C C2    . DC  A 1 6  ? -1.092  -7.813  -2.577  1.00 29.21 ? 6  DC  A C2    1 
ATOM   112 O O2    . DC  A 1 6  ? -0.554  -8.657  -3.300  1.00 30.36 ? 6  DC  A O2    1 
ATOM   113 N N3    . DC  A 1 6  ? -1.042  -6.479  -2.870  1.00 27.87 ? 6  DC  A N3    1 
ATOM   114 C C4    . DC  A 1 6  ? -1.687  -5.545  -2.125  1.00 26.29 ? 6  DC  A C4    1 
ATOM   115 N N4    . DC  A 1 6  ? -1.543  -4.277  -2.481  1.00 25.17 ? 6  DC  A N4    1 
ATOM   116 C C5    . DC  A 1 6  ? -2.443  -5.949  -0.998  1.00 28.77 ? 6  DC  A C5    1 
ATOM   117 C C6    . DC  A 1 6  ? -2.468  -7.266  -0.703  1.00 28.98 ? 6  DC  A C6    1 
ATOM   118 P P     . DG  A 1 7  ? 0.165   -9.995  3.082   1.00 40.43 ? 7  DG  A P     1 
ATOM   119 O OP1   . DG  A 1 7  ? 0.294   -11.054 4.114   1.00 42.31 ? 7  DG  A OP1   1 
ATOM   120 O OP2   . DG  A 1 7  ? -0.410  -8.722  3.612   1.00 39.63 ? 7  DG  A OP2   1 
ATOM   121 O "O5'" . DG  A 1 7  ? 1.412   -9.787  2.163   1.00 37.35 ? 7  DG  A "O5'" 1 
ATOM   122 C "C5'" . DG  A 1 7  ? 2.510   -10.723 2.140   1.00 36.03 ? 7  DG  A "C5'" 1 
ATOM   123 C "C4'" . DG  A 1 7  ? 3.442   -10.267 1.044   1.00 33.45 ? 7  DG  A "C4'" 1 
ATOM   124 O "O4'" . DG  A 1 7  ? 2.745   -9.753  -0.065  1.00 32.05 ? 7  DG  A "O4'" 1 
ATOM   125 C "C3'" . DG  A 1 7  ? 4.375   -9.149  1.464   1.00 33.22 ? 7  DG  A "C3'" 1 
ATOM   126 O "O3'" . DG  A 1 7  ? 5.471   -9.687  2.202   1.00 34.94 ? 7  DG  A "O3'" 1 
ATOM   127 C "C2'" . DG  A 1 7  ? 4.782   -8.504  0.133   1.00 31.08 ? 7  DG  A "C2'" 1 
ATOM   128 C "C1'" . DG  A 1 7  ? 3.541   -8.737  -0.701  1.00 29.82 ? 7  DG  A "C1'" 1 
ATOM   129 N N9    . DG  A 1 7  ? 2.788   -7.468  -0.768  1.00 28.82 ? 7  DG  A N9    1 
ATOM   130 C C8    . DG  A 1 7  ? 1.688   -7.095  -0.036  1.00 25.72 ? 7  DG  A C8    1 
ATOM   131 N N7    . DG  A 1 7  ? 1.302   -5.876  -0.266  1.00 25.56 ? 7  DG  A N7    1 
ATOM   132 C C5    . DG  A 1 7  ? 2.178   -5.435  -1.265  1.00 25.26 ? 7  DG  A C5    1 
ATOM   133 C C6    . DG  A 1 7  ? 2.289   -4.193  -1.930  1.00 25.58 ? 7  DG  A C6    1 
ATOM   134 O O6    . DG  A 1 7  ? 1.597   -3.187  -1.758  1.00 28.43 ? 7  DG  A O6    1 
ATOM   135 N N1    . DG  A 1 7  ? 3.345   -4.102  -2.785  1.00 26.05 ? 7  DG  A N1    1 
ATOM   136 C C2    . DG  A 1 7  ? 4.248   -5.105  -2.951  1.00 27.83 ? 7  DG  A C2    1 
ATOM   137 N N2    . DG  A 1 7  ? 5.208   -4.827  -3.847  1.00 27.32 ? 7  DG  A N2    1 
ATOM   138 N N3    . DG  A 1 7  ? 4.182   -6.301  -2.362  1.00 27.93 ? 7  DG  A N3    1 
ATOM   139 C C4    . DG  A 1 7  ? 3.118   -6.385  -1.542  1.00 26.49 ? 7  DG  A C4    1 
ATOM   140 P P     . DT  A 1 8  ? 6.119   -8.792  3.354   1.00 35.70 ? 8  DT  A P     1 
ATOM   141 O OP1   . DT  A 1 8  ? 6.674   -9.884  4.192   1.00 37.10 ? 8  DT  A OP1   1 
ATOM   142 O OP2   . DT  A 1 8  ? 5.021   -8.023  4.050   1.00 35.91 ? 8  DT  A OP2   1 
ATOM   143 O "O5'" . DT  A 1 8  ? 7.072   -7.758  2.662   1.00 34.51 ? 8  DT  A "O5'" 1 
ATOM   144 C "C5'" . DT  A 1 8  ? 7.949   -8.183  1.606   1.00 35.26 ? 8  DT  A "C5'" 1 
ATOM   145 C "C4'" . DT  A 1 8  ? 8.532   -6.955  0.929   1.00 35.64 ? 8  DT  A "C4'" 1 
ATOM   146 O "O4'" . DT  A 1 8  ? 7.625   -6.460  -0.047  1.00 34.08 ? 8  DT  A "O4'" 1 
ATOM   147 C "C3'" . DT  A 1 8  ? 8.826   -5.750  1.807   1.00 36.53 ? 8  DT  A "C3'" 1 
ATOM   148 O "O3'" . DT  A 1 8  ? 10.030  -5.896  2.553   1.00 41.63 ? 8  DT  A "O3'" 1 
ATOM   149 C "C2'" . DT  A 1 8  ? 8.917   -4.637  0.768   1.00 33.39 ? 8  DT  A "C2'" 1 
ATOM   150 C "C1'" . DT  A 1 8  ? 7.813   -5.042  -0.178  1.00 31.54 ? 8  DT  A "C1'" 1 
ATOM   151 N N1    . DT  A 1 8  ? 6.546   -4.384  0.202   1.00 30.33 ? 8  DT  A N1    1 
ATOM   152 C C2    . DT  A 1 8  ? 6.297   -3.139  -0.321  1.00 29.37 ? 8  DT  A C2    1 
ATOM   153 O O2    . DT  A 1 8  ? 7.119   -2.602  -1.052  1.00 31.73 ? 8  DT  A O2    1 
ATOM   154 N N3    . DT  A 1 8  ? 5.122   -2.550  0.025   1.00 28.69 ? 8  DT  A N3    1 
ATOM   155 C C4    . DT  A 1 8  ? 4.207   -3.148  0.843   1.00 28.85 ? 8  DT  A C4    1 
ATOM   156 O O4    . DT  A 1 8  ? 3.123   -2.495  1.002   1.00 28.69 ? 8  DT  A O4    1 
ATOM   157 C C5    . DT  A 1 8  ? 4.504   -4.406  1.411   1.00 28.19 ? 8  DT  A C5    1 
ATOM   158 C C7    . DT  A 1 8  ? 3.526   -5.118  2.305   1.00 28.35 ? 8  DT  A C7    1 
ATOM   159 C C6    . DT  A 1 8  ? 5.661   -4.980  1.054   1.00 30.43 ? 8  DT  A C6    1 
ATOM   160 P P     . DA  A 1 9  ? 10.172  -5.060  3.974   1.00 44.78 ? 9  DA  A P     1 
ATOM   161 O OP1   . DA  A 1 9  ? 11.262  -5.907  4.572   1.00 44.46 ? 9  DA  A OP1   1 
ATOM   162 O OP2   . DA  A 1 9  ? 8.911   -5.190  4.797   1.00 43.64 ? 9  DA  A OP2   1 
ATOM   163 O "O5'" . DA  A 1 9  ? 10.520  -3.599  3.504   1.00 42.24 ? 9  DA  A "O5'" 1 
ATOM   164 C "C5'" . DA  A 1 9  ? 11.852  -3.271  3.038   1.00 39.28 ? 9  DA  A "C5'" 1 
ATOM   165 C "C4'" . DA  A 1 9  ? 11.752  -1.949  2.308   1.00 39.42 ? 9  DA  A "C4'" 1 
ATOM   166 O "O4'" . DA  A 1 9  ? 10.616  -1.930  1.469   1.00 38.42 ? 9  DA  A "O4'" 1 
ATOM   167 C "C3'" . DA  A 1 9  ? 11.548  -0.734  3.199   1.00 41.55 ? 9  DA  A "C3'" 1 
ATOM   168 O "O3'" . DA  A 1 9  ? 12.744  -0.283  3.854   1.00 43.41 ? 9  DA  A "O3'" 1 
ATOM   169 C "C2'" . DA  A 1 9  ? 10.983  0.278   2.199   1.00 40.73 ? 9  DA  A "C2'" 1 
ATOM   170 C "C1'" . DA  A 1 9  ? 10.070  -0.595  1.364   1.00 36.03 ? 9  DA  A "C1'" 1 
ATOM   171 N N9    . DA  A 1 9  ? 8.688   -0.549  1.860   1.00 33.29 ? 9  DA  A N9    1 
ATOM   172 C C8    . DA  A 1 9  ? 8.022   -1.523  2.564   1.00 33.95 ? 9  DA  A C8    1 
ATOM   173 N N7    . DA  A 1 9  ? 6.762   -1.256  2.794   1.00 32.42 ? 9  DA  A N7    1 
ATOM   174 C C5    . DA  A 1 9  ? 6.583   -0.014  2.208   1.00 30.93 ? 9  DA  A C5    1 
ATOM   175 C C6    . DA  A 1 9  ? 5.456   0.836   2.168   1.00 30.89 ? 9  DA  A C6    1 
ATOM   176 N N6    . DA  A 1 9  ? 4.301   0.546   2.720   1.00 29.99 ? 9  DA  A N6    1 
ATOM   177 N N1    . DA  A 1 9  ? 5.646   2.025   1.506   1.00 31.69 ? 9  DA  A N1    1 
ATOM   178 C C2    . DA  A 1 9  ? 6.853   2.362   0.973   1.00 32.40 ? 9  DA  A C2    1 
ATOM   179 N N3    . DA  A 1 9  ? 7.958   1.600   1.003   1.00 33.48 ? 9  DA  A N3    1 
ATOM   180 C C4    . DA  A 1 9  ? 7.753   0.433   1.646   1.00 31.19 ? 9  DA  A C4    1 
ATOM   181 P P     . DC  A 1 10 ? 12.445  0.224   5.393   1.00 44.48 ? 10 DC  A P     1 
ATOM   182 O OP1   . DC  A 1 10 ? 13.829  0.347   5.940   1.00 46.57 ? 10 DC  A OP1   1 
ATOM   183 O OP2   . DC  A 1 10 ? 11.619  -0.762  6.101   1.00 41.40 ? 10 DC  A OP2   1 
ATOM   184 O "O5'" . DC  A 1 10 ? 11.825  1.660   4.990   1.00 44.03 ? 10 DC  A "O5'" 1 
ATOM   185 C "C5'" . DC  A 1 10 ? 12.767  2.648   4.479   1.00 42.29 ? 10 DC  A "C5'" 1 
ATOM   186 C "C4'" . DC  A 1 10 ? 11.944  3.859   4.087   1.00 40.04 ? 10 DC  A "C4'" 1 
ATOM   187 O "O4'" . DC  A 1 10 ? 10.895  3.415   3.257   1.00 39.05 ? 10 DC  A "O4'" 1 
ATOM   188 C "C3'" . DC  A 1 10 ? 11.242  4.587   5.229   1.00 40.32 ? 10 DC  A "C3'" 1 
ATOM   189 O "O3'" . DC  A 1 10 ? 12.067  5.505   5.954   1.00 43.07 ? 10 DC  A "O3'" 1 
ATOM   190 C "C2'" . DC  A 1 10 ? 10.095  5.277   4.495   1.00 37.54 ? 10 DC  A "C2'" 1 
ATOM   191 C "C1'" . DC  A 1 10 ? 9.700   4.172   3.529   1.00 36.39 ? 10 DC  A "C1'" 1 
ATOM   192 N N1    . DC  A 1 10 ? 8.641   3.341   4.129   1.00 34.29 ? 10 DC  A N1    1 
ATOM   193 C C2    . DC  A 1 10 ? 7.383   3.930   4.159   1.00 33.74 ? 10 DC  A C2    1 
ATOM   194 O O2    . DC  A 1 10 ? 7.223   5.084   3.778   1.00 34.30 ? 10 DC  A O2    1 
ATOM   195 N N3    . DC  A 1 10 ? 6.330   3.189   4.640   1.00 33.42 ? 10 DC  A N3    1 
ATOM   196 C C4    . DC  A 1 10 ? 6.531   1.932   5.138   1.00 32.15 ? 10 DC  A C4    1 
ATOM   197 N N4    . DC  A 1 10 ? 5.452   1.327   5.612   1.00 31.37 ? 10 DC  A N4    1 
ATOM   198 C C5    . DC  A 1 10 ? 7.813   1.328   5.087   1.00 32.72 ? 10 DC  A C5    1 
ATOM   199 C C6    . DC  A 1 10 ? 8.824   2.062   4.569   1.00 33.25 ? 10 DC  A C6    1 
ATOM   200 P P     . DG  A 1 11 ? 11.777  5.820   7.536   1.00 42.72 ? 11 DG  A P     1 
ATOM   201 O OP1   . DG  A 1 11 ? 13.087  6.406   7.922   1.00 43.55 ? 11 DG  A OP1   1 
ATOM   202 O OP2   . DG  A 1 11 ? 11.356  4.561   8.186   1.00 42.33 ? 11 DG  A OP2   1 
ATOM   203 O "O5'" . DG  A 1 11 ? 10.568  6.854   7.525   1.00 42.36 ? 11 DG  A "O5'" 1 
ATOM   204 C "C5'" . DG  A 1 11 ? 10.729  8.091   6.771   1.00 40.62 ? 11 DG  A "C5'" 1 
ATOM   205 C "C4'" . DG  A 1 11 ? 9.377   8.772   6.894   1.00 38.60 ? 11 DG  A "C4'" 1 
ATOM   206 O "O4'" . DG  A 1 11 ? 8.424   8.046   6.168   1.00 37.31 ? 11 DG  A "O4'" 1 
ATOM   207 C "C3'" . DG  A 1 11 ? 8.807   8.798   8.307   1.00 37.99 ? 11 DG  A "C3'" 1 
ATOM   208 O "O3'" . DG  A 1 11 ? 9.374   9.856   9.093   1.00 38.42 ? 11 DG  A "O3'" 1 
ATOM   209 C "C2'" . DG  A 1 11 ? 7.311   8.975   8.059   1.00 36.10 ? 11 DG  A "C2'" 1 
ATOM   210 C "C1'" . DG  A 1 11 ? 7.138   8.158   6.795   1.00 34.45 ? 11 DG  A "C1'" 1 
ATOM   211 N N9    . DG  A 1 11 ? 6.663   6.827   7.182   1.00 33.38 ? 11 DG  A N9    1 
ATOM   212 C C8    . DG  A 1 11 ? 7.410   5.700   7.392   1.00 32.69 ? 11 DG  A C8    1 
ATOM   213 N N7    . DG  A 1 11 ? 6.708   4.688   7.841   1.00 32.38 ? 11 DG  A N7    1 
ATOM   214 C C5    . DG  A 1 11 ? 5.415   5.183   7.915   1.00 32.13 ? 11 DG  A C5    1 
ATOM   215 C C6    . DG  A 1 11 ? 4.188   4.575   8.267   1.00 32.50 ? 11 DG  A C6    1 
ATOM   216 O O6    . DG  A 1 11 ? 4.036   3.421   8.656   1.00 35.72 ? 11 DG  A O6    1 
ATOM   217 N N1    . DG  A 1 11 ? 3.088   5.374   8.160   1.00 31.84 ? 11 DG  A N1    1 
ATOM   218 C C2    . DG  A 1 11 ? 3.176   6.678   7.797   1.00 31.46 ? 11 DG  A C2    1 
ATOM   219 N N2    . DG  A 1 11 ? 2.019   7.352   7.826   1.00 31.92 ? 11 DG  A N2    1 
ATOM   220 N N3    . DG  A 1 11 ? 4.294   7.315   7.453   1.00 31.83 ? 11 DG  A N3    1 
ATOM   221 C C4    . DG  A 1 11 ? 5.372   6.500   7.505   1.00 33.20 ? 11 DG  A C4    1 
ATOM   222 P P     . DG  A 1 12 ? 9.010   9.775   10.690  1.00 35.11 ? 12 DG  A P     1 
ATOM   223 O OP1   . DG  A 1 12 ? 9.956   10.785  11.207  1.00 37.05 ? 12 DG  A OP1   1 
ATOM   224 O OP2   . DG  A 1 12 ? 9.420   8.379   11.090  1.00 36.42 ? 12 DG  A OP2   1 
ATOM   225 O "O5'" . DG  A 1 12 ? 7.504   10.074  10.632  1.00 34.86 ? 12 DG  A "O5'" 1 
ATOM   226 C "C5'" . DG  A 1 12 ? 7.053   11.433  10.391  1.00 37.06 ? 12 DG  A "C5'" 1 
ATOM   227 C "C4'" . DG  A 1 12 ? 5.571   11.417  10.679  1.00 38.37 ? 12 DG  A "C4'" 1 
ATOM   228 O "O4'" . DG  A 1 12 ? 4.956   10.378  9.918   1.00 39.00 ? 12 DG  A "O4'" 1 
ATOM   229 C "C3'" . DG  A 1 12 ? 5.190   11.088  12.122  1.00 38.77 ? 12 DG  A "C3'" 1 
ATOM   230 O "O3'" . DG  A 1 12 ? 5.332   12.174  13.037  1.00 40.73 ? 12 DG  A "O3'" 1 
ATOM   231 C "C2'" . DG  A 1 12 ? 3.735   10.663  11.925  1.00 38.73 ? 12 DG  A "C2'" 1 
ATOM   232 C "C1'" . DG  A 1 12 ? 3.862   9.808   10.677  1.00 37.47 ? 12 DG  A "C1'" 1 
ATOM   233 N N9    . DG  A 1 12 ? 4.130   8.397   11.004  1.00 35.86 ? 12 DG  A N9    1 
ATOM   234 C C8    . DG  A 1 12 ? 5.341   7.753   11.007  1.00 36.86 ? 12 DG  A C8    1 
ATOM   235 N N7    . DG  A 1 12 ? 5.287   6.483   11.303  1.00 36.14 ? 12 DG  A N7    1 
ATOM   236 C C5    . DG  A 1 12 ? 3.916   6.257   11.433  1.00 36.09 ? 12 DG  A C5    1 
ATOM   237 C C6    . DG  A 1 12 ? 3.196   5.070   11.722  1.00 37.17 ? 12 DG  A C6    1 
ATOM   238 O O6    . DG  A 1 12 ? 3.679   3.942   11.897  1.00 37.94 ? 12 DG  A O6    1 
ATOM   239 N N1    . DG  A 1 12 ? 1.834   5.239   11.836  1.00 38.30 ? 12 DG  A N1    1 
ATOM   240 C C2    . DG  A 1 12 ? 1.251   6.445   11.658  1.00 37.41 ? 12 DG  A C2    1 
ATOM   241 N N2    . DG  A 1 12 ? -0.075  6.460   11.793  1.00 38.70 ? 12 DG  A N2    1 
ATOM   242 N N3    . DG  A 1 12 ? 1.875   7.590   11.365  1.00 36.88 ? 12 DG  A N3    1 
ATOM   243 C C4    . DG  A 1 12 ? 3.202   7.416   11.258  1.00 35.60 ? 12 DG  A C4    1 
HETATM 244 O O     . HOH B 2 .  ? -4.745  -1.308  4.262   1.00 55.81 ? 13 HOH A O     1 
HETATM 245 O O     . HOH B 2 .  ? 11.978  0.959   -2.813  1.00 63.52 ? 14 HOH A O     1 
HETATM 246 O O     . HOH B 2 .  ? -7.545  9.711   -17.522 1.00 49.67 ? 15 HOH A O     1 
HETATM 247 O O     . HOH B 2 .  ? 4.933   -1.863  4.108   1.00 41.35 ? 16 HOH A O     1 
HETATM 248 O O     . HOH B 2 .  ? -5.070  1.393   -8.752  1.00 56.66 ? 17 HOH A O     1 
HETATM 249 O O     . HOH B 2 .  ? -0.562  -6.348  5.380   1.00 60.38 ? 18 HOH A O     1 
HETATM 250 O O     . HOH B 2 .  ? -0.499  -4.537  1.828   1.00 30.96 ? 19 HOH A O     1 
HETATM 251 O O     . HOH B 2 .  ? 1.913   -8.333  5.527   1.00 77.30 ? 20 HOH A O     1 
HETATM 252 O O     . HOH B 2 .  ? -5.322  8.135   -7.211  1.00 52.44 ? 21 HOH A O     1 
HETATM 253 O O     . HOH B 2 .  ? -4.998  -0.025  -5.373  1.00 67.03 ? 22 HOH A O     1 
HETATM 254 O O     . HOH B 2 .  ? -6.744  -0.698  -0.769  1.00 56.97 ? 23 HOH A O     1 
HETATM 255 O O     . HOH B 2 .  ? -6.773  -5.023  5.346   1.00 67.45 ? 24 HOH A O     1 
HETATM 256 O O     . HOH B 2 .  ? -2.389  -6.165  3.085   1.00 44.28 ? 25 HOH A O     1 
HETATM 257 O O     . HOH B 2 .  ? 1.087   -1.817  2.955   1.00 55.24 ? 26 HOH A O     1 
HETATM 258 O O     . HOH B 2 .  ? 6.870   -3.307  4.386   1.00 52.50 ? 27 HOH A O     1 
HETATM 259 O O     . HOH B 2 .  ? 9.015   -1.768  6.053   1.00 47.18 ? 28 HOH A O     1 
HETATM 260 O O     . HOH B 2 .  ? 8.391   8.191   2.822   1.00 54.26 ? 29 HOH A O     1 
HETATM 261 O O     . HOH B 2 .  ? 8.987   5.613   11.129  1.00 54.47 ? 30 HOH A O     1 
HETATM 262 O O     . HOH B 2 .  ? -6.007  -1.046  -10.578 1.00 60.37 ? 31 HOH A O     1 
HETATM 263 O O     . HOH B 2 .  ? -3.865  7.272   -13.685 1.00 76.17 ? 32 HOH A O     1 
HETATM 264 O O     . HOH B 2 .  ? -4.529  -1.468  -2.163  1.00 34.90 ? 33 HOH A O     1 
HETATM 265 O O     . HOH B 2 .  ? -4.094  -4.031  1.505   1.00 44.73 ? 34 HOH A O     1 
HETATM 266 O O     . HOH B 2 .  ? 9.819   -7.550  5.420   1.00 45.57 ? 35 HOH A O     1 
HETATM 267 O O     . HOH B 2 .  ? 10.403  1.115   8.044   1.00 65.15 ? 36 HOH A O     1 
HETATM 268 O O     . HOH B 2 .  ? 12.820  -0.181  8.361   1.00 61.16 ? 37 HOH A O     1 
HETATM 269 O O     . HOH B 2 .  ? -12.054 6.507   -1.275  1.00 36.04 ? 38 HOH A O     1 
HETATM 270 O O     . HOH B 2 .  ? 10.333  3.128   -0.069  1.00 55.16 ? 39 HOH A O     1 
HETATM 271 O O     . HOH B 2 .  ? 9.322   1.412   -3.557  1.00 45.42 ? 40 HOH A O     1 
HETATM 272 O O     . HOH B 2 .  ? 3.018   3.695   -12.776 1.00 53.87 ? 41 HOH A O     1 
HETATM 273 O O     . HOH B 2 .  ? -8.500  -9.413  3.970   1.00 63.58 ? 42 HOH A O     1 
HETATM 274 O O     . HOH B 2 .  ? -8.372  0.634   -17.748 1.00 62.47 ? 43 HOH A O     1 
HETATM 275 O O     . HOH B 2 .  ? 8.148   13.011  13.452  1.00 46.71 ? 44 HOH A O     1 
HETATM 276 O O     . HOH B 2 .  ? -12.914 1.114   2.324   1.00 54.29 ? 45 HOH A O     1 
HETATM 277 O O     . HOH B 2 .  ? -2.324  -3.089  5.006   1.00 53.75 ? 46 HOH A O     1 
HETATM 278 O O     . HOH B 2 .  ? -1.340  -3.012  -0.434  1.00 82.43 ? 47 HOH A O     1 
HETATM 279 O O     . HOH B 2 .  ? 11.002  -1.591  -1.644  1.00 54.75 ? 48 HOH A O     1 
HETATM 280 O O     . HOH B 2 .  ? 7.821   -4.849  7.640   1.00 69.10 ? 49 HOH A O     1 
HETATM 281 O O     . HOH B 2 .  ? 10.335  6.741   0.742   1.00 74.73 ? 50 HOH A O     1 
HETATM 282 O O     . HOH B 2 .  ? 15.088  6.111   5.893   1.00 75.10 ? 51 HOH A O     1 
HETATM 283 O O     . HOH B 2 .  ? 12.420  7.919   12.039  1.00 40.31 ? 52 HOH A O     1 
# 
